data_2WJ4
#
_entry.id   2WJ4
#
_cell.length_a   44.810
_cell.length_b   167.200
_cell.length_c   167.220
_cell.angle_alpha   90.00
_cell.angle_beta   90.00
_cell.angle_gamma   90.00
#
_symmetry.space_group_name_H-M   'P 21 21 21'
#
loop_
_entity.id
_entity.type
_entity.pdbx_description
1 polymer '1H-3-HYDROXY-4-OXOQUINALDINE 2,4-DIOXYGENASE'
2 non-polymer GLYCEROL
3 non-polymer 'POTASSIUM ION'
4 non-polymer 3-HYDROXY-2-METHYLQUINOLIN-4(1H)-ONE
5 non-polymer 'S,R MESO-TARTARIC ACID'
6 water water
#
_entity_poly.entity_id   1
_entity_poly.type   'polypeptide(L)'
_entity_poly.pdbx_seq_one_letter_code
;MTDTYLHETLVFDNKLSYIDNQRDTDGPAILLLPGWCHDHRVYKYLIQELDADFRVIVPNWRGHGLSPSEVPDFGYQEQV
KDALEILDQLGVETFLPVSHSHGGWVLVELLEQAGPERAPRGIIMDWLMWAPKPDFAKSLTLLKDPERWREGTHGLFDVW
LDGHDEKRVRHHLLEEMADYGYDCWGRSGRVIEDAYGRNGSPMQMMANLTKTRPIRHIFSQPTEPEYEKINSDFAEQHPW
FSYAKLGGPTHFPAIDVPDRAAVHIREFATAIRQGQ
;
_entity_poly.pdbx_strand_id   A,B,C,D
#
loop_
_chem_comp.id
_chem_comp.type
_chem_comp.name
_chem_comp.formula
GOL non-polymer GLYCEROL 'C3 H8 O3'
HQD non-polymer 3-HYDROXY-2-METHYLQUINOLIN-4(1H)-ONE 'C10 H9 N O2'
K non-polymer 'POTASSIUM ION' 'K 1'
SRT non-polymer 'S,R MESO-TARTARIC ACID' 'C4 H6 O6'
#
# COMPACT_ATOMS: atom_id res chain seq x y z
N THR A 2 -6.09 15.43 -40.90
CA THR A 2 -4.91 16.30 -40.52
C THR A 2 -4.62 17.33 -41.64
N ASP A 3 -5.14 17.04 -42.83
CA ASP A 3 -5.15 18.00 -43.96
C ASP A 3 -6.43 18.90 -43.86
N THR A 4 -7.24 18.71 -42.81
CA THR A 4 -8.25 19.74 -42.40
C THR A 4 -7.63 21.10 -41.97
N TYR A 5 -6.31 21.15 -41.78
CA TYR A 5 -5.56 22.32 -41.26
C TYR A 5 -4.59 22.96 -42.22
N LEU A 6 -4.56 22.55 -43.47
CA LEU A 6 -3.55 23.02 -44.41
C LEU A 6 -3.99 24.34 -45.05
N HIS A 7 -3.13 25.33 -45.04
CA HIS A 7 -3.44 26.62 -45.66
C HIS A 7 -2.35 27.03 -46.61
N GLU A 8 -2.61 28.11 -47.32
CA GLU A 8 -1.63 28.69 -48.21
C GLU A 8 -1.66 30.20 -48.08
N THR A 9 -0.49 30.83 -48.18
CA THR A 9 -0.41 32.28 -48.17
C THR A 9 0.83 32.81 -48.91
N LEU A 10 0.69 34.03 -49.45
CA LEU A 10 1.81 34.72 -50.09
C LEU A 10 2.72 35.22 -48.97
N VAL A 11 4.02 34.93 -49.09
CA VAL A 11 5.02 35.30 -48.12
C VAL A 11 6.14 35.95 -48.88
N PHE A 12 6.24 37.28 -48.75
CA PHE A 12 7.11 38.04 -49.62
C PHE A 12 6.81 37.56 -51.03
N ASP A 13 7.76 36.92 -51.70
CA ASP A 13 7.60 36.56 -53.12
C ASP A 13 6.85 35.26 -53.42
N ASN A 14 6.67 34.43 -52.41
CA ASN A 14 6.26 33.07 -52.62
C ASN A 14 4.99 32.70 -51.93
N LYS A 15 4.19 31.86 -52.57
CA LYS A 15 3.08 31.24 -51.88
C LYS A 15 3.63 30.05 -51.09
N LEU A 16 3.43 30.05 -49.77
CA LEU A 16 3.88 28.98 -48.91
C LEU A 16 2.67 28.35 -48.29
N SER A 17 2.67 27.02 -48.24
CA SER A 17 1.65 26.32 -47.50
C SER A 17 2.12 26.19 -46.05
N TYR A 18 1.17 25.97 -45.16
CA TYR A 18 1.48 25.79 -43.76
C TYR A 18 0.30 25.13 -43.11
N ILE A 19 0.57 24.40 -42.03
CA ILE A 19 -0.46 23.85 -41.16
C ILE A 19 -0.75 24.89 -40.05
N ASP A 20 -2.03 24.99 -39.69
CA ASP A 20 -2.45 25.80 -38.54
C ASP A 20 -3.78 25.26 -38.07
N ASN A 21 -3.81 24.64 -36.91
CA ASN A 21 -5.07 24.11 -36.37
C ASN A 21 -5.96 25.25 -35.79
N GLN A 22 -5.41 26.46 -35.73
CA GLN A 22 -6.15 27.67 -35.27
C GLN A 22 -6.81 27.47 -33.91
N ARG A 23 -6.24 26.60 -33.08
CA ARG A 23 -6.81 26.32 -31.78
C ARG A 23 -6.79 27.62 -30.96
N ASP A 24 -7.94 28.01 -30.45
CA ASP A 24 -8.04 29.16 -29.52
C ASP A 24 -7.72 28.68 -28.13
N THR A 25 -6.55 29.03 -27.65
CA THR A 25 -6.07 28.58 -26.36
C THR A 25 -4.92 29.45 -25.90
N ASP A 26 -4.44 29.13 -24.71
CA ASP A 26 -3.34 29.91 -24.13
C ASP A 26 -2.00 29.50 -24.74
N GLY A 27 -1.13 30.49 -24.89
CA GLY A 27 0.19 30.27 -25.48
C GLY A 27 1.03 29.35 -24.61
N PRO A 28 2.24 29.02 -25.08
CA PRO A 28 2.75 29.43 -26.40
C PRO A 28 2.21 28.56 -27.55
N ALA A 29 2.24 29.12 -28.75
CA ALA A 29 2.00 28.35 -29.95
C ALA A 29 3.19 27.42 -30.15
N ILE A 30 2.91 26.20 -30.62
CA ILE A 30 3.97 25.22 -30.98
C ILE A 30 4.24 25.29 -32.47
N LEU A 31 5.45 25.74 -32.79
CA LEU A 31 5.89 25.93 -34.15
C LEU A 31 6.81 24.73 -34.55
N LEU A 32 6.26 23.82 -35.38
CA LEU A 32 6.98 22.61 -35.81
C LEU A 32 7.67 22.91 -37.12
N LEU A 33 8.99 22.75 -37.11
CA LEU A 33 9.81 23.17 -38.25
C LEU A 33 10.36 21.92 -38.98
N PRO A 34 9.99 21.76 -40.27
CA PRO A 34 10.51 20.63 -41.05
C PRO A 34 11.98 20.84 -41.46
N GLY A 35 12.66 19.70 -41.65
CA GLY A 35 13.99 19.70 -42.24
C GLY A 35 13.91 19.98 -43.73
N TRP A 36 15.00 19.70 -44.44
CA TRP A 36 15.07 19.87 -45.91
C TRP A 36 14.40 18.75 -46.76
N CYS A 37 13.62 19.19 -47.74
CA CYS A 37 13.06 18.33 -48.79
C CYS A 37 12.04 17.39 -48.24
N HIS A 38 11.36 17.84 -47.20
CA HIS A 38 10.09 17.26 -46.84
C HIS A 38 9.19 18.35 -46.24
N ASP A 39 8.00 17.96 -45.85
CA ASP A 39 6.98 18.94 -45.46
C ASP A 39 6.26 18.49 -44.24
N HIS A 40 5.20 19.24 -43.90
CA HIS A 40 4.34 19.00 -42.74
C HIS A 40 3.84 17.59 -42.50
N ARG A 41 3.69 16.81 -43.57
CA ARG A 41 3.37 15.37 -43.45
C ARG A 41 4.24 14.61 -42.44
N VAL A 42 5.50 15.01 -42.31
CA VAL A 42 6.40 14.40 -41.29
C VAL A 42 5.87 14.58 -39.86
N TYR A 43 5.02 15.60 -39.71
CA TYR A 43 4.49 15.92 -38.42
C TYR A 43 3.12 15.42 -38.16
N LYS A 44 2.52 14.65 -39.09
CA LYS A 44 1.11 14.27 -38.93
C LYS A 44 0.77 13.49 -37.67
N TYR A 45 1.69 12.70 -37.15
CA TYR A 45 1.44 11.96 -35.89
C TYR A 45 1.65 12.81 -34.63
N LEU A 46 2.65 13.66 -34.68
CA LEU A 46 2.91 14.62 -33.61
C LEU A 46 1.71 15.65 -33.50
N ILE A 47 1.26 16.17 -34.62
CA ILE A 47 0.15 17.12 -34.63
C ILE A 47 -1.05 16.53 -33.89
N GLN A 48 -1.35 15.26 -34.11
CA GLN A 48 -2.41 14.58 -33.39
C GLN A 48 -2.21 14.55 -31.88
N GLU A 49 -0.97 14.35 -31.46
CA GLU A 49 -0.68 14.30 -30.04
C GLU A 49 -0.92 15.65 -29.37
N LEU A 50 -0.70 16.73 -30.12
CA LEU A 50 -0.68 18.08 -29.58
C LEU A 50 -1.96 18.90 -29.90
N ASP A 51 -2.79 18.35 -30.79
CA ASP A 51 -3.90 19.10 -31.41
C ASP A 51 -4.91 19.66 -30.38
N ALA A 52 -5.33 18.79 -29.48
CA ALA A 52 -6.33 19.13 -28.47
C ALA A 52 -5.95 20.32 -27.59
N ASP A 53 -4.68 20.50 -27.26
CA ASP A 53 -4.25 21.42 -26.18
C ASP A 53 -3.44 22.64 -26.60
N PHE A 54 -3.07 22.70 -27.87
CA PHE A 54 -2.15 23.73 -28.32
C PHE A 54 -2.53 24.22 -29.68
N ARG A 55 -2.13 25.45 -29.97
CA ARG A 55 -2.15 25.91 -31.32
C ARG A 55 -0.86 25.40 -31.96
N VAL A 56 -1.00 24.75 -33.11
CA VAL A 56 0.12 24.10 -33.80
C VAL A 56 0.25 24.68 -35.21
N ILE A 57 1.41 25.25 -35.50
CA ILE A 57 1.71 25.81 -36.83
C ILE A 57 2.92 25.05 -37.43
N VAL A 58 2.80 24.67 -38.71
CA VAL A 58 3.91 24.07 -39.45
C VAL A 58 4.08 24.75 -40.80
N PRO A 59 5.08 25.58 -40.93
CA PRO A 59 5.36 26.19 -42.20
C PRO A 59 6.15 25.26 -43.10
N ASN A 60 5.79 25.26 -44.38
CA ASN A 60 6.59 24.62 -45.42
C ASN A 60 7.45 25.60 -46.12
N TRP A 61 8.71 25.23 -46.35
CA TRP A 61 9.69 26.10 -46.96
C TRP A 61 9.43 26.34 -48.44
N ARG A 62 10.10 27.32 -48.99
CA ARG A 62 9.95 27.64 -50.39
C ARG A 62 10.25 26.38 -51.22
N GLY A 63 9.37 26.11 -52.17
CA GLY A 63 9.49 24.96 -53.05
C GLY A 63 9.06 23.64 -52.45
N HIS A 64 8.68 23.65 -51.17
CA HIS A 64 8.24 22.47 -50.42
C HIS A 64 6.74 22.42 -50.27
N GLY A 65 6.19 21.24 -50.15
CA GLY A 65 4.75 21.08 -49.96
C GLY A 65 4.25 19.85 -50.72
N LEU A 66 2.94 19.73 -50.80
CA LEU A 66 2.33 18.62 -51.48
C LEU A 66 2.71 18.60 -52.99
N SER A 67 2.98 19.79 -53.52
CA SER A 67 3.44 19.97 -54.89
C SER A 67 4.75 20.76 -54.89
N PRO A 68 5.88 20.05 -54.76
CA PRO A 68 7.14 20.75 -54.75
C PRO A 68 7.37 21.55 -56.02
N SER A 69 8.15 22.59 -55.95
CA SER A 69 8.53 23.31 -57.15
C SER A 69 9.92 23.87 -57.05
N GLU A 70 10.52 24.06 -58.21
CA GLU A 70 11.80 24.74 -58.29
C GLU A 70 11.60 26.19 -57.90
N VAL A 71 12.55 26.68 -57.11
CA VAL A 71 12.51 28.06 -56.65
C VAL A 71 13.93 28.56 -56.67
N PRO A 72 14.11 29.89 -56.67
CA PRO A 72 15.46 30.41 -56.58
C PRO A 72 16.16 30.08 -55.26
N ASP A 73 17.48 30.16 -55.28
CA ASP A 73 18.31 29.69 -54.17
C ASP A 73 18.10 30.51 -52.92
N PHE A 74 18.07 29.82 -51.77
CA PHE A 74 17.81 30.43 -50.44
C PHE A 74 18.35 29.50 -49.37
N GLY A 75 18.54 30.04 -48.18
CA GLY A 75 19.14 29.33 -47.06
C GLY A 75 18.34 29.43 -45.80
N TYR A 76 18.97 29.09 -44.68
CA TYR A 76 18.25 29.08 -43.39
C TYR A 76 17.83 30.47 -42.93
N GLN A 77 18.62 31.46 -43.33
CA GLN A 77 18.35 32.89 -43.09
C GLN A 77 16.95 33.21 -43.58
N GLU A 78 16.70 32.84 -44.83
CA GLU A 78 15.41 33.03 -45.50
C GLU A 78 14.29 32.15 -44.94
N GLN A 79 14.62 30.95 -44.49
CA GLN A 79 13.60 30.12 -43.80
C GLN A 79 13.10 30.80 -42.51
N VAL A 80 14.03 31.37 -41.77
CA VAL A 80 13.73 32.16 -40.57
C VAL A 80 12.75 33.34 -40.87
N LYS A 81 13.03 34.12 -41.91
CA LYS A 81 12.17 35.28 -42.28
C LYS A 81 10.80 34.82 -42.67
N ASP A 82 10.78 33.74 -43.46
CA ASP A 82 9.51 33.15 -43.86
C ASP A 82 8.69 32.74 -42.64
N ALA A 83 9.33 32.04 -41.71
CA ALA A 83 8.62 31.53 -40.52
C ALA A 83 8.03 32.73 -39.71
N LEU A 84 8.84 33.77 -39.53
CA LEU A 84 8.40 34.96 -38.75
C LEU A 84 7.25 35.68 -39.48
N GLU A 85 7.39 35.79 -40.79
CA GLU A 85 6.32 36.41 -41.59
C GLU A 85 5.03 35.65 -41.45
N ILE A 86 5.08 34.31 -41.42
CA ILE A 86 3.84 33.53 -41.19
C ILE A 86 3.25 33.78 -39.78
N LEU A 87 4.14 33.84 -38.81
CA LEU A 87 3.72 34.10 -37.43
C LEU A 87 3.08 35.50 -37.35
N ASP A 88 3.68 36.47 -38.03
CA ASP A 88 3.13 37.84 -38.05
C ASP A 88 1.75 37.87 -38.67
N GLN A 89 1.65 37.35 -39.91
CA GLN A 89 0.35 37.20 -40.56
C GLN A 89 -0.67 36.49 -39.66
N LEU A 90 -0.23 35.55 -38.85
CA LEU A 90 -1.18 34.81 -38.00
C LEU A 90 -1.42 35.47 -36.64
N GLY A 91 -0.71 36.57 -36.39
CA GLY A 91 -0.78 37.27 -35.09
C GLY A 91 -0.18 36.53 -33.91
N VAL A 92 0.64 35.52 -34.18
CA VAL A 92 1.20 34.69 -33.10
C VAL A 92 2.31 35.47 -32.40
N GLU A 93 2.22 35.55 -31.08
CA GLU A 93 3.19 36.31 -30.28
C GLU A 93 4.30 35.43 -29.70
N THR A 94 3.97 34.69 -28.65
CA THR A 94 4.91 33.76 -28.03
C THR A 94 4.78 32.36 -28.62
N PHE A 95 5.93 31.73 -28.85
CA PHE A 95 5.95 30.39 -29.44
C PHE A 95 7.16 29.54 -28.98
N LEU A 96 6.93 28.24 -28.93
CA LEU A 96 7.96 27.21 -28.69
C LEU A 96 8.31 26.51 -30.05
N PRO A 97 9.47 26.85 -30.65
CA PRO A 97 9.85 26.18 -31.89
C PRO A 97 10.41 24.79 -31.59
N VAL A 98 9.96 23.82 -32.40
CA VAL A 98 10.38 22.40 -32.31
C VAL A 98 10.89 21.99 -33.73
N SER A 99 12.17 21.65 -33.86
CA SER A 99 12.75 21.34 -35.17
C SER A 99 13.08 19.84 -35.38
N HIS A 100 13.08 19.48 -36.66
CA HIS A 100 13.52 18.13 -37.08
C HIS A 100 14.81 18.28 -37.87
N SER A 101 15.83 17.53 -37.42
CA SER A 101 17.11 17.48 -38.03
C SER A 101 17.62 18.87 -38.37
N HIS A 102 17.97 19.10 -39.65
CA HIS A 102 18.58 20.35 -40.08
C HIS A 102 17.65 21.57 -40.22
N GLY A 103 16.36 21.36 -39.92
CA GLY A 103 15.44 22.44 -39.53
C GLY A 103 15.94 23.17 -38.27
N GLY A 104 16.92 22.58 -37.59
CA GLY A 104 17.55 23.11 -36.39
C GLY A 104 18.30 24.39 -36.64
N TRP A 105 18.91 24.53 -37.82
CA TRP A 105 19.65 25.73 -38.19
C TRP A 105 18.69 26.93 -38.27
N VAL A 106 17.48 26.68 -38.77
CA VAL A 106 16.35 27.61 -38.71
C VAL A 106 15.93 27.92 -37.25
N LEU A 107 15.78 26.88 -36.44
CA LEU A 107 15.35 27.03 -35.03
C LEU A 107 16.26 27.93 -34.19
N VAL A 108 17.56 27.74 -34.37
CA VAL A 108 18.56 28.41 -33.56
C VAL A 108 18.75 29.84 -34.05
N GLU A 109 18.65 30.07 -35.36
CA GLU A 109 18.66 31.44 -35.89
C GLU A 109 17.35 32.19 -35.54
N LEU A 110 16.25 31.47 -35.51
CA LEU A 110 14.96 31.99 -35.07
C LEU A 110 14.99 32.41 -33.58
N LEU A 111 15.64 31.64 -32.75
CA LEU A 111 15.81 32.00 -31.34
C LEU A 111 16.60 33.31 -31.17
N GLU A 112 17.63 33.48 -31.98
CA GLU A 112 18.44 34.67 -31.96
C GLU A 112 17.60 35.86 -32.37
N GLN A 113 16.91 35.70 -33.50
CA GLN A 113 16.16 36.76 -34.14
C GLN A 113 14.95 37.20 -33.35
N ALA A 114 14.19 36.22 -32.88
CA ALA A 114 12.96 36.49 -32.16
C ALA A 114 13.21 36.89 -30.71
N GLY A 115 14.36 36.51 -30.18
CA GLY A 115 14.68 36.78 -28.78
C GLY A 115 13.91 35.94 -27.78
N PRO A 116 14.37 35.93 -26.52
CA PRO A 116 13.88 35.05 -25.47
C PRO A 116 12.49 35.36 -24.94
N GLU A 117 11.98 36.55 -25.23
CA GLU A 117 10.64 36.91 -24.75
C GLU A 117 9.61 36.23 -25.61
N ARG A 118 9.85 36.35 -26.91
CA ARG A 118 8.99 35.73 -27.91
C ARG A 118 9.21 34.20 -28.01
N ALA A 119 10.48 33.80 -27.97
CA ALA A 119 10.89 32.39 -28.13
C ALA A 119 11.78 32.02 -26.97
N PRO A 120 11.17 31.67 -25.84
CA PRO A 120 11.91 31.52 -24.60
C PRO A 120 12.66 30.20 -24.45
N ARG A 121 12.23 29.19 -25.22
CA ARG A 121 12.83 27.84 -25.24
C ARG A 121 12.75 27.25 -26.66
N GLY A 122 13.48 26.13 -26.85
CA GLY A 122 13.47 25.36 -28.11
C GLY A 122 13.69 23.88 -27.89
N ILE A 123 13.12 23.06 -28.77
CA ILE A 123 13.32 21.60 -28.79
C ILE A 123 13.85 21.21 -30.17
N ILE A 124 15.05 20.67 -30.17
CA ILE A 124 15.71 20.23 -31.42
C ILE A 124 15.64 18.69 -31.47
N MET A 125 15.06 18.18 -32.56
CA MET A 125 14.97 16.70 -32.69
C MET A 125 16.05 16.18 -33.66
N ASP A 126 16.70 15.10 -33.25
CA ASP A 126 17.66 14.26 -34.07
C ASP A 126 18.49 15.02 -35.05
N TRP A 127 19.39 15.80 -34.51
CA TRP A 127 20.13 16.77 -35.29
C TRP A 127 21.58 16.59 -35.03
N LEU A 128 22.34 16.31 -36.09
CA LEU A 128 23.77 15.90 -35.94
C LEU A 128 24.63 17.02 -35.29
N MET A 129 24.99 16.80 -34.03
CA MET A 129 25.61 17.80 -33.14
C MET A 129 27.07 18.02 -33.46
N TRP A 130 27.72 17.03 -34.04
CA TRP A 130 29.11 17.16 -34.37
C TRP A 130 29.25 17.57 -35.82
N ALA A 131 30.41 18.14 -36.13
CA ALA A 131 30.77 18.50 -37.48
C ALA A 131 30.73 17.23 -38.37
N PRO A 132 30.49 17.38 -39.68
CA PRO A 132 30.22 16.18 -40.49
C PRO A 132 31.34 15.11 -40.45
N LYS A 133 30.97 13.91 -40.02
CA LYS A 133 31.84 12.75 -40.15
C LYS A 133 31.95 12.38 -41.64
N PRO A 134 32.91 11.48 -42.00
CA PRO A 134 33.15 11.25 -43.42
C PRO A 134 31.96 10.70 -44.21
N ASP A 135 31.18 9.82 -43.59
CA ASP A 135 30.08 9.21 -44.33
C ASP A 135 29.02 10.28 -44.66
N PHE A 136 28.73 11.14 -43.69
CA PHE A 136 27.78 12.25 -43.88
C PHE A 136 28.34 13.34 -44.79
N ALA A 137 29.60 13.68 -44.60
CA ALA A 137 30.26 14.63 -45.51
C ALA A 137 30.13 14.13 -46.95
N LYS A 138 30.34 12.82 -47.13
CA LYS A 138 30.17 12.18 -48.46
C LYS A 138 28.74 12.31 -49.01
N SER A 139 27.78 12.03 -48.14
CA SER A 139 26.36 12.18 -48.48
C SER A 139 26.03 13.55 -49.03
N LEU A 140 26.54 14.57 -48.38
CA LEU A 140 26.25 15.93 -48.81
C LEU A 140 26.84 16.15 -50.23
N THR A 141 28.07 15.70 -50.44
CA THR A 141 28.76 15.91 -51.73
C THR A 141 27.97 15.20 -52.82
N LEU A 142 27.41 14.05 -52.50
CA LEU A 142 26.55 13.32 -53.44
C LEU A 142 25.26 14.10 -53.76
N LEU A 143 24.65 14.70 -52.73
CA LEU A 143 23.38 15.42 -52.92
C LEU A 143 23.59 16.58 -53.86
N LYS A 144 24.78 17.18 -53.77
CA LYS A 144 25.14 18.38 -54.56
C LYS A 144 25.38 18.06 -56.03
N ASP A 145 25.55 16.77 -56.33
CA ASP A 145 25.93 16.27 -57.66
C ASP A 145 24.71 15.95 -58.52
N PRO A 146 24.56 16.65 -59.66
CA PRO A 146 23.36 16.48 -60.46
C PRO A 146 23.25 15.08 -61.03
N GLU A 147 24.36 14.38 -61.06
CA GLU A 147 24.43 13.02 -61.54
C GLU A 147 24.12 12.03 -60.47
N ARG A 148 24.43 12.38 -59.23
CA ARG A 148 24.39 11.43 -58.12
C ARG A 148 23.52 11.79 -56.91
N TRP A 149 22.61 12.76 -57.06
CA TRP A 149 21.85 13.26 -55.92
C TRP A 149 20.96 12.16 -55.37
N ARG A 150 20.34 11.40 -56.29
CA ARG A 150 19.41 10.33 -55.88
C ARG A 150 20.12 9.25 -55.08
N GLU A 151 21.30 8.88 -55.55
CA GLU A 151 22.19 7.99 -54.81
C GLU A 151 22.49 8.59 -53.42
N GLY A 152 22.70 9.90 -53.37
CA GLY A 152 22.83 10.58 -52.06
C GLY A 152 21.66 10.35 -51.09
N THR A 153 20.46 10.52 -51.61
CA THR A 153 19.23 10.36 -50.80
C THR A 153 19.05 8.91 -50.33
N HIS A 154 19.44 7.95 -51.20
CA HIS A 154 19.30 6.53 -50.85
C HIS A 154 20.18 6.11 -49.71
N GLY A 155 21.42 6.59 -49.74
CA GLY A 155 22.39 6.34 -48.68
C GLY A 155 21.89 6.94 -47.34
N LEU A 156 21.26 8.09 -47.45
CA LEU A 156 20.69 8.80 -46.27
C LEU A 156 19.50 8.03 -45.77
N PHE A 157 18.64 7.55 -46.67
CA PHE A 157 17.52 6.70 -46.25
C PHE A 157 18.01 5.49 -45.51
N ASP A 158 19.09 4.86 -46.00
CA ASP A 158 19.71 3.70 -45.26
C ASP A 158 20.11 4.07 -43.81
N VAL A 159 20.77 5.21 -43.68
CA VAL A 159 21.24 5.63 -42.35
C VAL A 159 20.04 5.88 -41.41
N TRP A 160 19.03 6.52 -41.98
CA TRP A 160 17.84 6.94 -41.22
C TRP A 160 16.97 5.82 -40.72
N LEU A 161 16.83 4.79 -41.56
CA LEU A 161 16.07 3.58 -41.20
C LEU A 161 16.82 2.67 -40.32
N ASP A 162 18.13 2.74 -40.42
CA ASP A 162 19.08 2.02 -39.56
C ASP A 162 18.80 0.50 -39.42
N GLY A 163 18.34 -0.11 -40.49
CA GLY A 163 18.18 -1.58 -40.48
C GLY A 163 16.81 -2.01 -40.00
N HIS A 164 15.89 -1.03 -39.89
CA HIS A 164 14.53 -1.32 -39.45
C HIS A 164 13.50 -1.29 -40.57
N ASP A 165 12.61 -2.26 -40.56
CA ASP A 165 11.46 -2.30 -41.44
C ASP A 165 10.33 -1.48 -40.85
N GLU A 166 10.56 -0.18 -40.80
CA GLU A 166 9.70 0.74 -40.04
C GLU A 166 8.70 1.34 -40.98
N LYS A 167 7.52 0.74 -41.01
CA LYS A 167 6.53 0.99 -42.05
C LYS A 167 6.12 2.48 -42.24
N ARG A 168 6.01 3.23 -41.15
CA ARG A 168 5.62 4.68 -41.24
C ARG A 168 6.74 5.53 -41.80
N VAL A 169 7.95 5.22 -41.38
CA VAL A 169 9.11 6.01 -41.83
C VAL A 169 9.42 5.73 -43.28
N ARG A 170 9.33 4.45 -43.64
CA ARG A 170 9.54 4.01 -45.05
C ARG A 170 8.57 4.71 -45.95
N HIS A 171 7.32 4.78 -45.50
CA HIS A 171 6.28 5.52 -46.24
C HIS A 171 6.59 7.00 -46.43
N HIS A 172 7.16 7.61 -45.39
CA HIS A 172 7.53 9.04 -45.46
C HIS A 172 8.70 9.27 -46.44
N LEU A 173 9.73 8.42 -46.33
CA LEU A 173 10.88 8.56 -47.24
C LEU A 173 10.52 8.25 -48.71
N LEU A 174 9.78 7.17 -48.91
CA LEU A 174 9.57 6.61 -50.26
C LEU A 174 8.35 7.17 -50.96
N GLU A 175 7.36 7.58 -50.20
CA GLU A 175 6.15 8.16 -50.81
C GLU A 175 6.09 9.68 -50.60
N GLU A 176 6.24 10.10 -49.36
CA GLU A 176 6.04 11.52 -48.99
C GLU A 176 7.16 12.44 -49.42
N MET A 177 8.37 11.90 -49.63
CA MET A 177 9.45 12.67 -50.26
C MET A 177 9.68 12.33 -51.77
N ALA A 178 8.77 11.55 -52.38
CA ALA A 178 9.00 11.05 -53.76
C ALA A 178 9.01 12.16 -54.79
N ASP A 179 8.25 13.20 -54.53
CA ASP A 179 8.11 14.34 -55.45
C ASP A 179 9.18 15.40 -55.37
N TYR A 180 10.10 15.26 -54.42
CA TYR A 180 11.18 16.24 -54.30
C TYR A 180 12.33 15.88 -55.23
N GLY A 181 12.83 16.88 -55.94
CA GLY A 181 13.91 16.66 -56.93
C GLY A 181 15.25 17.27 -56.55
N TYR A 182 16.15 17.30 -57.53
CA TYR A 182 17.52 17.77 -57.36
C TYR A 182 17.64 19.24 -56.92
N ASP A 183 16.71 20.08 -57.38
CA ASP A 183 16.65 21.49 -56.97
C ASP A 183 16.58 21.63 -55.44
N CYS A 184 15.78 20.77 -54.81
CA CYS A 184 15.72 20.72 -53.37
C CYS A 184 16.94 20.02 -52.79
N TRP A 185 17.13 18.75 -53.17
CA TRP A 185 18.16 17.93 -52.54
C TRP A 185 19.53 18.51 -52.72
N GLY A 186 19.83 19.02 -53.92
CA GLY A 186 21.11 19.71 -54.14
C GLY A 186 21.29 20.96 -53.26
N ARG A 187 20.20 21.71 -53.11
CA ARG A 187 20.22 22.89 -52.24
C ARG A 187 20.48 22.51 -50.76
N SER A 188 19.80 21.48 -50.29
CA SER A 188 19.92 21.04 -48.91
C SER A 188 21.38 20.70 -48.60
N GLY A 189 22.01 20.05 -49.57
CA GLY A 189 23.45 19.75 -49.52
C GLY A 189 24.34 20.98 -49.43
N ARG A 190 24.05 21.98 -50.26
CA ARG A 190 24.86 23.22 -50.23
C ARG A 190 24.68 24.01 -48.90
N VAL A 191 23.42 24.16 -48.49
CA VAL A 191 23.05 24.89 -47.27
C VAL A 191 23.60 24.26 -46.02
N ILE A 192 23.44 22.93 -45.92
CA ILE A 192 23.86 22.20 -44.73
C ILE A 192 25.37 22.20 -44.63
N GLU A 193 26.02 22.03 -45.77
CA GLU A 193 27.44 22.07 -45.82
C GLU A 193 27.93 23.48 -45.40
N ASP A 194 27.34 24.49 -46.03
CA ASP A 194 27.63 25.89 -45.66
C ASP A 194 27.35 26.21 -44.16
N ALA A 195 26.22 25.75 -43.64
CA ALA A 195 25.86 25.92 -42.21
C ALA A 195 26.98 25.44 -41.26
N TYR A 196 27.40 24.18 -41.38
CA TYR A 196 28.53 23.67 -40.57
C TYR A 196 29.84 24.44 -40.84
N GLY A 197 30.06 24.83 -42.07
CA GLY A 197 31.29 25.56 -42.40
C GLY A 197 31.33 26.92 -41.68
N ARG A 198 30.24 27.63 -41.75
CA ARG A 198 30.19 28.97 -41.16
C ARG A 198 29.92 28.99 -39.65
N ASN A 199 29.21 28.01 -39.11
CA ASN A 199 28.86 27.99 -37.67
C ASN A 199 29.62 26.97 -36.85
N GLY A 200 30.35 26.09 -37.51
CA GLY A 200 31.12 25.03 -36.82
C GLY A 200 30.30 23.78 -36.60
N SER A 201 29.22 23.95 -35.85
CA SER A 201 28.36 22.85 -35.46
C SER A 201 27.10 23.40 -34.84
N PRO A 202 26.02 22.61 -34.76
CA PRO A 202 24.86 23.06 -33.97
C PRO A 202 25.21 23.48 -32.54
N MET A 203 26.13 22.78 -31.91
CA MET A 203 26.54 23.11 -30.56
C MET A 203 27.27 24.44 -30.48
N GLN A 204 28.17 24.70 -31.42
CA GLN A 204 28.89 25.94 -31.48
C GLN A 204 27.92 27.10 -31.75
N MET A 205 26.99 26.91 -32.68
CA MET A 205 25.95 27.91 -33.00
C MET A 205 25.03 28.20 -31.81
N MET A 206 24.58 27.18 -31.10
CA MET A 206 23.82 27.36 -29.87
C MET A 206 24.61 28.10 -28.76
N ALA A 207 25.84 27.66 -28.49
CA ALA A 207 26.68 28.24 -27.46
C ALA A 207 26.92 29.73 -27.73
N ASN A 208 26.79 30.12 -28.99
CA ASN A 208 27.06 31.46 -29.47
C ASN A 208 25.84 32.34 -29.50
N LEU A 209 24.67 31.82 -29.12
CA LEU A 209 23.48 32.67 -29.00
C LEU A 209 23.79 33.89 -28.11
N THR A 210 23.29 35.05 -28.52
CA THR A 210 23.41 36.28 -27.69
C THR A 210 22.78 36.10 -26.32
N LYS A 211 21.60 35.50 -26.33
CA LYS A 211 20.86 35.19 -25.14
C LYS A 211 20.53 33.73 -25.09
N THR A 212 21.38 32.96 -24.41
CA THR A 212 21.15 31.54 -24.26
C THR A 212 19.95 31.34 -23.34
N ARG A 213 19.29 30.20 -23.53
CA ARG A 213 18.03 29.85 -22.90
C ARG A 213 17.85 28.33 -23.05
N PRO A 214 16.85 27.77 -22.36
CA PRO A 214 16.71 26.32 -22.38
C PRO A 214 16.43 25.71 -23.76
N ILE A 215 17.37 24.83 -24.16
CA ILE A 215 17.21 24.01 -25.34
C ILE A 215 17.43 22.55 -24.92
N ARG A 216 16.54 21.67 -25.36
CA ARG A 216 16.70 20.22 -25.22
C ARG A 216 16.84 19.50 -26.59
N HIS A 217 17.90 18.70 -26.70
CA HIS A 217 18.09 17.77 -27.87
C HIS A 217 17.44 16.42 -27.59
N ILE A 218 16.36 16.11 -28.28
CA ILE A 218 15.77 14.77 -28.16
C ILE A 218 16.06 14.01 -29.48
N PHE A 219 16.59 12.79 -29.35
CA PHE A 219 17.14 12.05 -30.52
C PHE A 219 17.16 10.57 -30.29
N SER A 220 17.10 9.84 -31.40
CA SER A 220 17.27 8.35 -31.38
C SER A 220 18.59 7.91 -32.04
N GLN A 221 19.10 8.71 -32.94
CA GLN A 221 20.37 8.40 -33.56
C GLN A 221 21.29 9.63 -33.70
N PRO A 222 22.61 9.40 -33.89
CA PRO A 222 23.35 8.15 -33.93
C PRO A 222 23.28 7.41 -32.61
N THR A 223 23.34 6.09 -32.64
CA THR A 223 23.04 5.29 -31.47
C THR A 223 24.27 4.98 -30.65
N GLU A 224 25.46 5.34 -31.14
CA GLU A 224 26.70 4.93 -30.49
C GLU A 224 26.97 5.78 -29.25
N PRO A 225 27.69 5.19 -28.26
CA PRO A 225 27.96 5.89 -27.00
C PRO A 225 28.80 7.14 -27.15
N GLU A 226 29.61 7.21 -28.19
CA GLU A 226 30.42 8.40 -28.42
C GLU A 226 29.53 9.61 -28.78
N TYR A 227 28.37 9.34 -29.34
CA TYR A 227 27.46 10.45 -29.69
C TYR A 227 26.71 10.91 -28.44
N GLU A 228 26.24 9.96 -27.65
CA GLU A 228 25.65 10.28 -26.34
C GLU A 228 26.62 11.17 -25.52
N LYS A 229 27.90 10.79 -25.54
CA LYS A 229 28.98 11.45 -24.82
C LYS A 229 29.18 12.94 -25.18
N ILE A 230 29.18 13.31 -26.44
CA ILE A 230 29.27 14.72 -26.79
C ILE A 230 28.00 15.50 -26.37
N ASN A 231 26.86 14.83 -26.33
CA ASN A 231 25.65 15.44 -25.77
C ASN A 231 25.83 15.66 -24.25
N SER A 232 26.27 14.63 -23.51
CA SER A 232 26.42 14.80 -22.04
C SER A 232 27.51 15.81 -21.64
N ASP A 233 28.60 15.83 -22.42
CA ASP A 233 29.65 16.79 -22.20
C ASP A 233 29.18 18.22 -22.48
N PHE A 234 28.40 18.42 -23.53
CA PHE A 234 27.87 19.73 -23.83
C PHE A 234 26.89 20.18 -22.73
N ALA A 235 26.09 19.24 -22.24
CA ALA A 235 25.12 19.50 -21.15
C ALA A 235 25.78 19.76 -19.79
N GLU A 236 26.99 19.22 -19.60
CA GLU A 236 27.70 19.44 -18.34
C GLU A 236 28.28 20.85 -18.33
N GLN A 237 28.57 21.35 -19.51
CA GLN A 237 29.14 22.65 -19.64
C GLN A 237 28.10 23.77 -19.63
N HIS A 238 26.86 23.44 -20.02
CA HIS A 238 25.85 24.45 -20.31
C HIS A 238 24.58 24.16 -19.57
N PRO A 239 24.32 24.89 -18.46
CA PRO A 239 23.10 24.72 -17.65
C PRO A 239 21.79 24.78 -18.43
N TRP A 240 21.77 25.53 -19.51
CA TRP A 240 20.59 25.68 -20.35
C TRP A 240 20.34 24.49 -21.32
N PHE A 241 21.36 23.66 -21.50
CA PHE A 241 21.25 22.54 -22.48
C PHE A 241 20.91 21.27 -21.77
N SER A 242 19.92 20.55 -22.30
CA SER A 242 19.63 19.22 -21.85
C SER A 242 19.38 18.29 -23.09
N TYR A 243 19.35 16.99 -22.83
CA TYR A 243 19.06 16.03 -23.91
C TYR A 243 18.32 14.86 -23.37
N ALA A 244 17.67 14.14 -24.29
CA ALA A 244 17.00 12.88 -24.00
C ALA A 244 17.13 11.86 -25.18
N LYS A 245 17.74 10.72 -24.86
CA LYS A 245 17.79 9.65 -25.81
C LYS A 245 16.45 8.91 -25.78
N LEU A 246 15.77 9.00 -26.90
CA LEU A 246 14.43 8.47 -27.03
C LEU A 246 14.37 6.96 -27.33
N GLY A 247 15.45 6.41 -27.87
CA GLY A 247 15.50 4.94 -28.10
C GLY A 247 14.54 4.48 -29.19
N GLY A 248 14.12 5.38 -30.04
CA GLY A 248 13.26 5.02 -31.18
C GLY A 248 14.09 4.43 -32.33
N PRO A 249 13.45 3.71 -33.28
CA PRO A 249 14.28 2.99 -34.29
C PRO A 249 14.99 3.90 -35.31
N THR A 250 14.40 5.05 -35.66
CA THR A 250 14.82 5.81 -36.80
C THR A 250 15.21 7.25 -36.48
N HIS A 251 15.75 7.89 -37.50
CA HIS A 251 16.06 9.30 -37.54
C HIS A 251 14.79 10.20 -37.32
N PHE A 252 13.59 9.61 -37.40
CA PHE A 252 12.30 10.35 -37.38
C PHE A 252 11.44 10.11 -36.13
N PRO A 253 11.91 10.54 -34.95
CA PRO A 253 11.12 10.31 -33.73
C PRO A 253 9.72 10.95 -33.80
N ALA A 254 9.58 12.03 -34.53
CA ALA A 254 8.26 12.65 -34.67
C ALA A 254 7.29 11.66 -35.30
N ILE A 255 7.83 10.75 -36.14
CA ILE A 255 7.01 9.70 -36.77
C ILE A 255 6.93 8.45 -35.93
N ASP A 256 8.06 7.99 -35.43
CA ASP A 256 8.07 6.65 -34.83
C ASP A 256 7.89 6.62 -33.31
N VAL A 257 8.17 7.73 -32.62
CA VAL A 257 7.84 7.81 -31.17
C VAL A 257 7.17 9.19 -30.90
N PRO A 258 6.05 9.47 -31.59
CA PRO A 258 5.42 10.77 -31.50
C PRO A 258 4.96 11.11 -30.06
N ASP A 259 4.55 10.11 -29.31
CA ASP A 259 4.12 10.26 -27.92
C ASP A 259 5.25 10.66 -26.96
N ARG A 260 6.49 10.31 -27.31
CA ARG A 260 7.62 10.64 -26.53
C ARG A 260 8.11 12.03 -26.84
N ALA A 261 8.15 12.35 -28.12
CA ALA A 261 8.43 13.68 -28.58
C ALA A 261 7.39 14.71 -28.04
N ALA A 262 6.14 14.28 -28.00
CA ALA A 262 5.08 15.09 -27.47
C ALA A 262 5.31 15.44 -25.99
N VAL A 263 5.72 14.47 -25.16
CA VAL A 263 5.87 14.72 -23.72
C VAL A 263 6.97 15.69 -23.37
N HIS A 264 8.01 15.75 -24.20
CA HIS A 264 9.10 16.72 -24.02
C HIS A 264 8.70 18.12 -24.48
N ILE A 265 7.88 18.18 -25.51
CA ILE A 265 7.31 19.40 -26.01
C ILE A 265 6.34 19.99 -24.95
N ARG A 266 5.44 19.15 -24.45
CA ARG A 266 4.53 19.59 -23.36
C ARG A 266 5.29 20.11 -22.15
N GLU A 267 6.35 19.42 -21.77
CA GLU A 267 7.12 19.80 -20.60
C GLU A 267 7.70 21.22 -20.74
N PHE A 268 8.19 21.52 -21.93
CA PHE A 268 8.77 22.80 -22.20
C PHE A 268 7.65 23.84 -22.36
N ALA A 269 6.54 23.43 -22.95
CA ALA A 269 5.34 24.31 -23.07
C ALA A 269 4.71 24.67 -21.69
N THR A 270 4.85 23.80 -20.72
CA THR A 270 4.33 24.05 -19.37
C THR A 270 5.27 24.93 -18.54
N ALA A 271 6.55 24.67 -18.68
CA ALA A 271 7.58 25.52 -18.09
C ALA A 271 7.42 26.96 -18.57
N ILE A 272 7.09 27.13 -19.85
CA ILE A 272 6.85 28.47 -20.42
C ILE A 272 5.60 29.13 -19.82
N ARG A 273 4.53 28.35 -19.66
CA ARG A 273 3.27 28.85 -19.09
C ARG A 273 3.49 29.33 -17.65
N GLN A 274 4.20 28.56 -16.85
CA GLN A 274 4.70 29.07 -15.58
C GLN A 274 5.82 30.13 -15.77
N GLY A 275 5.59 31.14 -16.58
CA GLY A 275 6.67 32.10 -16.88
C GLY A 275 7.84 31.46 -17.65
N ASP B 3 -35.68 14.02 46.05
CA ASP B 3 -36.63 14.05 47.19
C ASP B 3 -37.65 15.20 46.99
N THR B 4 -38.45 15.44 48.03
CA THR B 4 -39.44 16.53 48.06
C THR B 4 -38.79 17.82 48.56
N TYR B 5 -37.48 17.79 48.72
CA TYR B 5 -36.76 18.89 49.29
C TYR B 5 -35.82 19.57 48.33
N LEU B 6 -35.83 19.16 47.08
CA LEU B 6 -34.84 19.68 46.14
C LEU B 6 -35.33 20.98 45.56
N HIS B 7 -34.47 21.99 45.55
CA HIS B 7 -34.82 23.29 44.98
C HIS B 7 -33.73 23.77 44.05
N GLU B 8 -34.00 24.87 43.39
CA GLU B 8 -33.05 25.51 42.50
C GLU B 8 -33.17 27.03 42.63
N THR B 9 -32.03 27.70 42.58
CA THR B 9 -32.01 29.15 42.61
C THR B 9 -30.79 29.72 41.88
N LEU B 10 -30.93 30.95 41.40
CA LEU B 10 -29.86 31.69 40.78
C LEU B 10 -29.00 32.22 41.90
N VAL B 11 -27.68 31.99 41.77
CA VAL B 11 -26.70 32.39 42.77
C VAL B 11 -25.57 33.09 42.05
N PHE B 12 -25.56 34.40 42.17
CA PHE B 12 -24.70 35.22 41.32
C PHE B 12 -24.97 34.77 39.87
N ASP B 13 -24.00 34.17 39.21
CA ASP B 13 -24.13 33.80 37.79
C ASP B 13 -24.77 32.44 37.47
N ASN B 14 -24.93 31.59 38.48
CA ASN B 14 -25.26 30.21 38.23
C ASN B 14 -26.51 29.79 38.94
N LYS B 15 -27.29 28.94 38.28
CA LYS B 15 -28.41 28.27 38.93
C LYS B 15 -27.84 27.10 39.72
N LEU B 16 -28.06 27.07 41.02
CA LEU B 16 -27.57 25.99 41.86
C LEU B 16 -28.74 25.29 42.43
N SER B 17 -28.70 23.96 42.44
CA SER B 17 -29.70 23.22 43.16
C SER B 17 -29.25 23.04 44.62
N TYR B 18 -30.21 22.79 45.49
CA TYR B 18 -29.92 22.60 46.91
C TYR B 18 -31.08 21.87 47.52
N ILE B 19 -30.77 21.14 48.58
CA ILE B 19 -31.78 20.56 49.45
C ILE B 19 -32.12 21.56 50.58
N ASP B 20 -33.41 21.60 50.92
CA ASP B 20 -33.88 22.41 52.08
C ASP B 20 -35.20 21.81 52.54
N ASN B 21 -35.20 21.16 53.69
CA ASN B 21 -36.45 20.58 54.19
C ASN B 21 -37.41 21.66 54.73
N GLN B 22 -36.94 22.90 54.84
CA GLN B 22 -37.72 24.05 55.32
C GLN B 22 -38.41 23.78 56.66
N ARG B 23 -37.80 22.94 57.48
CA ARG B 23 -38.35 22.63 58.80
C ARG B 23 -38.37 23.93 59.62
N ASP B 24 -39.55 24.25 60.16
CA ASP B 24 -39.71 25.38 61.09
C ASP B 24 -39.37 24.87 62.47
N THR B 25 -38.20 25.25 62.95
CA THR B 25 -37.73 24.79 64.25
C THR B 25 -36.65 25.72 64.76
N ASP B 26 -36.17 25.41 65.94
CA ASP B 26 -35.12 26.20 66.53
C ASP B 26 -33.78 25.85 65.89
N GLY B 27 -32.92 26.86 65.82
CA GLY B 27 -31.60 26.72 65.25
C GLY B 27 -30.71 25.84 66.12
N PRO B 28 -29.51 25.53 65.64
CA PRO B 28 -29.00 25.99 64.34
C PRO B 28 -29.45 25.13 63.17
N ALA B 29 -29.42 25.71 61.99
CA ALA B 29 -29.65 24.96 60.76
C ALA B 29 -28.41 24.06 60.57
N ILE B 30 -28.64 22.86 60.08
CA ILE B 30 -27.55 21.96 59.74
C ILE B 30 -27.25 22.06 58.26
N LEU B 31 -26.05 22.51 57.94
CA LEU B 31 -25.61 22.73 56.58
C LEU B 31 -24.63 21.60 56.16
N LEU B 32 -25.14 20.71 55.33
CA LEU B 32 -24.39 19.52 54.89
C LEU B 32 -23.71 19.90 53.57
N LEU B 33 -22.40 19.78 53.56
CA LEU B 33 -21.53 20.24 52.47
C LEU B 33 -20.91 19.05 51.72
N PRO B 34 -21.34 18.85 50.47
CA PRO B 34 -20.72 17.79 49.66
C PRO B 34 -19.25 18.08 49.31
N GLY B 35 -18.51 17.00 49.10
CA GLY B 35 -17.20 17.03 48.48
C GLY B 35 -17.29 17.33 46.99
N TRP B 36 -16.21 17.06 46.27
CA TRP B 36 -16.12 17.27 44.82
C TRP B 36 -16.71 16.13 43.94
N CYS B 37 -17.50 16.56 42.98
CA CYS B 37 -17.99 15.69 41.89
C CYS B 37 -18.97 14.72 42.41
N HIS B 38 -19.69 15.14 43.43
CA HIS B 38 -20.93 14.46 43.77
C HIS B 38 -21.87 15.50 44.35
N ASP B 39 -23.05 15.06 44.71
CA ASP B 39 -24.13 15.99 45.16
C ASP B 39 -24.84 15.49 46.39
N HIS B 40 -25.92 16.20 46.72
CA HIS B 40 -26.81 15.93 47.86
C HIS B 40 -27.25 14.49 48.04
N ARG B 41 -27.33 13.74 46.96
CA ARG B 41 -27.59 12.29 47.05
C ARG B 41 -26.70 11.57 48.06
N VAL B 42 -25.43 11.99 48.20
CA VAL B 42 -24.54 11.42 49.26
C VAL B 42 -25.14 11.53 50.68
N TYR B 43 -26.03 12.51 50.85
CA TYR B 43 -26.62 12.81 52.14
C TYR B 43 -27.95 12.23 52.40
N LYS B 44 -28.52 11.46 51.46
CA LYS B 44 -29.89 11.04 51.58
C LYS B 44 -30.23 10.24 52.85
N TYR B 45 -29.29 9.45 53.35
CA TYR B 45 -29.53 8.67 54.58
C TYR B 45 -29.37 9.59 55.83
N LEU B 46 -28.37 10.45 55.78
CA LEU B 46 -28.12 11.37 56.88
C LEU B 46 -29.35 12.34 57.00
N ILE B 47 -29.84 12.87 55.88
CA ILE B 47 -31.00 13.74 55.89
C ILE B 47 -32.18 13.10 56.61
N GLN B 48 -32.41 11.82 56.38
CA GLN B 48 -33.48 11.10 57.04
C GLN B 48 -33.30 11.08 58.56
N GLU B 49 -32.06 10.87 58.98
CA GLU B 49 -31.78 10.81 60.41
C GLU B 49 -32.09 12.16 61.07
N LEU B 50 -31.86 13.25 60.35
CA LEU B 50 -31.93 14.60 60.93
C LEU B 50 -33.23 15.36 60.63
N ASP B 51 -34.03 14.82 59.71
CA ASP B 51 -35.14 15.55 59.07
C ASP B 51 -36.18 16.09 60.07
N ALA B 52 -36.59 15.21 60.97
CA ALA B 52 -37.63 15.50 61.96
C ALA B 52 -37.28 16.68 62.89
N ASP B 53 -36.00 16.84 63.23
CA ASP B 53 -35.65 17.72 64.36
C ASP B 53 -34.86 18.98 64.00
N PHE B 54 -34.48 19.09 62.73
CA PHE B 54 -33.63 20.18 62.29
C PHE B 54 -34.00 20.69 60.95
N ARG B 55 -33.66 21.95 60.68
CA ARG B 55 -33.63 22.42 59.33
C ARG B 55 -32.32 21.97 58.65
N VAL B 56 -32.45 21.33 57.50
CA VAL B 56 -31.31 20.71 56.82
C VAL B 56 -31.17 21.30 55.42
N ILE B 57 -30.01 21.91 55.16
CA ILE B 57 -29.70 22.51 53.86
C ILE B 57 -28.48 21.80 53.24
N VAL B 58 -28.59 21.46 51.95
CA VAL B 58 -27.45 20.92 51.20
C VAL B 58 -27.28 21.62 49.88
N PRO B 59 -26.32 22.51 49.78
CA PRO B 59 -26.03 23.16 48.52
C PRO B 59 -25.24 22.26 47.61
N ASN B 60 -25.59 22.29 46.33
CA ASN B 60 -24.75 21.71 45.28
C ASN B 60 -23.91 22.73 44.58
N TRP B 61 -22.65 22.40 44.40
CA TRP B 61 -21.69 23.32 43.82
C TRP B 61 -21.97 23.55 42.35
N ARG B 62 -21.32 24.58 41.83
CA ARG B 62 -21.42 24.89 40.40
C ARG B 62 -21.11 23.65 39.56
N GLY B 63 -21.99 23.40 38.61
CA GLY B 63 -21.84 22.27 37.71
C GLY B 63 -22.21 20.93 38.29
N HIS B 64 -22.63 20.91 39.55
CA HIS B 64 -22.97 19.70 40.29
C HIS B 64 -24.47 19.58 40.44
N GLY B 65 -24.96 18.37 40.48
CA GLY B 65 -26.39 18.16 40.67
C GLY B 65 -26.83 16.95 39.89
N LEU B 66 -28.14 16.74 39.78
CA LEU B 66 -28.70 15.58 39.06
C LEU B 66 -28.37 15.60 37.56
N SER B 67 -28.12 16.80 37.04
CA SER B 67 -27.63 17.02 35.69
C SER B 67 -26.34 17.89 35.66
N PRO B 68 -25.17 17.24 35.87
CA PRO B 68 -23.95 17.99 35.90
C PRO B 68 -23.69 18.76 34.62
N SER B 69 -22.96 19.85 34.73
CA SER B 69 -22.64 20.63 33.54
C SER B 69 -21.30 21.26 33.70
N GLU B 70 -20.62 21.44 32.57
CA GLU B 70 -19.38 22.18 32.51
C GLU B 70 -19.67 23.62 32.91
N VAL B 71 -18.80 24.18 33.71
CA VAL B 71 -18.90 25.56 34.16
C VAL B 71 -17.49 26.10 34.17
N PRO B 72 -17.33 27.42 34.24
CA PRO B 72 -16.01 27.99 34.37
C PRO B 72 -15.28 27.63 35.68
N ASP B 73 -13.97 27.80 35.65
CA ASP B 73 -13.16 27.42 36.80
C ASP B 73 -13.51 28.18 38.08
N PHE B 74 -13.50 27.46 39.18
CA PHE B 74 -13.75 28.04 40.52
C PHE B 74 -13.14 27.13 41.60
N GLY B 75 -13.01 27.67 42.79
CA GLY B 75 -12.38 26.95 43.93
C GLY B 75 -13.18 27.01 45.21
N TYR B 76 -12.53 26.69 46.31
CA TYR B 76 -13.28 26.58 47.58
C TYR B 76 -13.78 27.94 48.11
N GLN B 77 -13.06 28.98 47.78
CA GLN B 77 -13.45 30.35 48.09
C GLN B 77 -14.81 30.67 47.48
N GLU B 78 -14.97 30.29 46.20
CA GLU B 78 -16.24 30.45 45.49
C GLU B 78 -17.35 29.59 46.09
N GLN B 79 -17.00 28.39 46.51
CA GLN B 79 -17.97 27.46 47.12
C GLN B 79 -18.51 28.07 48.41
N VAL B 80 -17.60 28.64 49.18
CA VAL B 80 -17.93 29.41 50.39
C VAL B 80 -18.95 30.58 50.15
N LYS B 81 -18.72 31.39 49.14
CA LYS B 81 -19.64 32.50 48.78
C LYS B 81 -20.99 31.95 48.32
N ASP B 82 -20.96 30.92 47.47
CA ASP B 82 -22.18 30.31 47.00
C ASP B 82 -23.01 29.80 48.20
N ALA B 83 -22.36 29.16 49.16
CA ALA B 83 -23.07 28.61 50.35
C ALA B 83 -23.72 29.76 51.12
N LEU B 84 -22.95 30.80 51.40
CA LEU B 84 -23.43 31.95 52.18
C LEU B 84 -24.59 32.63 51.43
N GLU B 85 -24.45 32.78 50.11
CA GLU B 85 -25.51 33.36 49.29
C GLU B 85 -26.80 32.54 49.38
N ILE B 86 -26.71 31.21 49.41
CA ILE B 86 -27.92 30.38 49.60
C ILE B 86 -28.53 30.58 51.02
N LEU B 87 -27.68 30.66 52.02
CA LEU B 87 -28.12 30.89 53.41
C LEU B 87 -28.80 32.25 53.52
N ASP B 88 -28.20 33.25 52.89
CA ASP B 88 -28.78 34.62 52.86
C ASP B 88 -30.16 34.58 52.21
N GLN B 89 -30.24 34.07 50.98
CA GLN B 89 -31.55 33.91 50.31
C GLN B 89 -32.55 33.20 51.19
N LEU B 90 -32.09 32.23 51.97
CA LEU B 90 -33.03 31.44 52.78
C LEU B 90 -33.33 32.09 54.13
N GLY B 91 -32.64 33.18 54.43
CA GLY B 91 -32.78 33.85 55.74
C GLY B 91 -32.22 33.08 56.92
N VAL B 92 -31.28 32.18 56.65
CA VAL B 92 -30.70 31.36 57.73
C VAL B 92 -29.61 32.17 58.42
N GLU B 93 -29.70 32.21 59.74
CA GLU B 93 -28.76 32.98 60.55
C GLU B 93 -27.65 32.06 61.07
N THR B 94 -27.92 31.35 62.15
CA THR B 94 -26.94 30.44 62.76
C THR B 94 -26.99 29.05 62.10
N PHE B 95 -25.80 28.48 61.87
CA PHE B 95 -25.72 27.14 61.27
C PHE B 95 -24.51 26.32 61.72
N LEU B 96 -24.71 25.00 61.76
CA LEU B 96 -23.67 24.03 62.02
C LEU B 96 -23.27 23.39 60.68
N PRO B 97 -22.16 23.82 60.09
CA PRO B 97 -21.71 23.15 58.87
C PRO B 97 -21.10 21.78 59.17
N VAL B 98 -21.46 20.81 58.35
CA VAL B 98 -20.99 19.42 58.43
C VAL B 98 -20.47 19.05 57.03
N SER B 99 -19.18 18.79 56.89
CA SER B 99 -18.59 18.49 55.55
C SER B 99 -18.25 17.01 55.34
N HIS B 100 -18.26 16.62 54.07
CA HIS B 100 -17.71 15.31 53.63
C HIS B 100 -16.40 15.51 52.88
N SER B 101 -15.37 14.81 53.34
CA SER B 101 -14.04 14.83 52.70
C SER B 101 -13.61 16.26 52.40
N HIS B 102 -13.20 16.53 51.14
CA HIS B 102 -12.64 17.81 50.74
C HIS B 102 -13.65 18.96 50.62
N GLY B 103 -14.94 18.68 50.89
CA GLY B 103 -15.91 19.71 51.26
C GLY B 103 -15.42 20.50 52.51
N GLY B 104 -14.48 19.90 53.26
CA GLY B 104 -13.88 20.48 54.49
C GLY B 104 -13.14 21.78 54.26
N TRP B 105 -12.54 21.94 53.07
CA TRP B 105 -11.83 23.17 52.71
C TRP B 105 -12.85 24.35 52.67
N VAL B 106 -14.04 24.05 52.18
CA VAL B 106 -15.19 24.96 52.20
C VAL B 106 -15.64 25.20 53.65
N LEU B 107 -15.76 24.13 54.45
CA LEU B 107 -16.19 24.25 55.84
C LEU B 107 -15.28 25.19 56.66
N VAL B 108 -13.97 24.99 56.55
CA VAL B 108 -13.02 25.68 57.35
C VAL B 108 -12.94 27.16 56.95
N GLU B 109 -13.04 27.44 55.65
CA GLU B 109 -13.07 28.83 55.14
C GLU B 109 -14.42 29.51 55.50
N LEU B 110 -15.49 28.73 55.49
CA LEU B 110 -16.79 29.19 55.88
C LEU B 110 -16.76 29.60 57.39
N LEU B 111 -16.11 28.81 58.22
CA LEU B 111 -15.93 29.18 59.62
C LEU B 111 -15.22 30.54 59.76
N GLU B 112 -14.16 30.72 58.99
CA GLU B 112 -13.41 31.97 59.04
C GLU B 112 -14.31 33.13 58.59
N GLN B 113 -14.98 32.91 57.48
CA GLN B 113 -15.74 33.95 56.79
C GLN B 113 -16.99 34.36 57.54
N ALA B 114 -17.74 33.38 58.03
CA ALA B 114 -18.99 33.60 58.75
C ALA B 114 -18.73 33.99 60.22
N GLY B 115 -17.62 33.53 60.79
CA GLY B 115 -17.29 33.82 62.17
C GLY B 115 -18.04 32.97 63.18
N PRO B 116 -17.57 32.97 64.43
CA PRO B 116 -18.05 32.07 65.48
C PRO B 116 -19.45 32.32 66.01
N GLU B 117 -20.02 33.48 65.73
CA GLU B 117 -21.40 33.79 66.18
C GLU B 117 -22.36 33.10 65.24
N ARG B 118 -22.12 33.26 63.95
CA ARG B 118 -22.95 32.60 62.94
C ARG B 118 -22.66 31.06 62.79
N ALA B 119 -21.38 30.69 62.90
CA ALA B 119 -20.91 29.30 62.73
C ALA B 119 -20.04 28.93 63.87
N PRO B 120 -20.63 28.60 65.02
CA PRO B 120 -19.90 28.44 66.26
C PRO B 120 -19.14 27.13 66.38
N ARG B 121 -19.54 26.14 65.59
CA ARG B 121 -18.89 24.81 65.60
C ARG B 121 -18.86 24.17 64.20
N GLY B 122 -18.07 23.11 64.03
CA GLY B 122 -18.05 22.40 62.74
C GLY B 122 -17.82 20.93 62.92
N ILE B 123 -18.37 20.14 62.00
CA ILE B 123 -18.08 18.69 61.94
C ILE B 123 -17.49 18.38 60.56
N ILE B 124 -16.27 17.87 60.57
CA ILE B 124 -15.60 17.40 59.35
C ILE B 124 -15.64 15.85 59.29
N MET B 125 -16.16 15.33 58.20
CA MET B 125 -16.18 13.89 58.00
C MET B 125 -15.06 13.45 57.02
N ASP B 126 -14.34 12.41 57.45
CA ASP B 126 -13.39 11.60 56.63
C ASP B 126 -12.58 12.39 55.65
N TRP B 127 -11.70 13.19 56.19
CA TRP B 127 -10.99 14.20 55.46
C TRP B 127 -9.53 14.05 55.72
N LEU B 128 -8.75 13.79 54.65
CA LEU B 128 -7.30 13.51 54.82
C LEU B 128 -6.59 14.67 55.52
N MET B 129 -6.23 14.42 56.78
CA MET B 129 -5.64 15.40 57.70
C MET B 129 -4.17 15.69 57.45
N TRP B 130 -3.48 14.72 56.83
CA TRP B 130 -2.06 14.92 56.54
C TRP B 130 -1.89 15.34 55.11
N ALA B 131 -0.75 15.93 54.81
CA ALA B 131 -0.41 16.35 53.44
C ALA B 131 -0.37 15.10 52.54
N PRO B 132 -0.56 15.29 51.22
CA PRO B 132 -0.81 14.10 50.40
C PRO B 132 0.33 13.08 50.48
N LYS B 133 -0.03 11.87 50.86
CA LYS B 133 0.90 10.73 50.69
C LYS B 133 1.09 10.45 49.18
N PRO B 134 2.09 9.63 48.81
CA PRO B 134 2.33 9.41 47.37
C PRO B 134 1.19 8.82 46.57
N ASP B 135 0.45 7.88 47.13
CA ASP B 135 -0.64 7.25 46.37
C ASP B 135 -1.69 8.33 46.05
N PHE B 136 -2.05 9.10 47.06
CA PHE B 136 -3.07 10.14 46.90
C PHE B 136 -2.57 11.25 46.00
N ALA B 137 -1.31 11.63 46.20
CA ALA B 137 -0.70 12.65 45.37
C ALA B 137 -0.79 12.21 43.88
N LYS B 138 -0.48 10.96 43.66
CA LYS B 138 -0.63 10.31 42.34
C LYS B 138 -2.05 10.38 41.81
N SER B 139 -3.01 10.00 42.65
CA SER B 139 -4.42 10.10 42.28
C SER B 139 -4.76 11.49 41.73
N LEU B 140 -4.33 12.52 42.46
CA LEU B 140 -4.65 13.86 42.03
C LEU B 140 -4.06 14.16 40.65
N THR B 141 -2.82 13.72 40.42
CA THR B 141 -2.15 13.98 39.15
C THR B 141 -2.96 13.32 38.05
N LEU B 142 -3.46 12.12 38.31
CA LEU B 142 -4.28 11.37 37.33
C LEU B 142 -5.62 12.10 37.00
N LEU B 143 -6.28 12.61 38.04
CA LEU B 143 -7.56 13.33 37.86
C LEU B 143 -7.37 14.54 36.99
N LYS B 144 -6.20 15.18 37.11
CA LYS B 144 -5.86 16.39 36.31
C LYS B 144 -5.61 16.10 34.82
N ASP B 145 -5.38 14.83 34.52
CA ASP B 145 -4.97 14.37 33.18
C ASP B 145 -6.21 14.08 32.35
N PRO B 146 -6.36 14.79 31.22
CA PRO B 146 -7.52 14.54 30.37
C PRO B 146 -7.57 13.12 29.77
N GLU B 147 -6.42 12.46 29.72
CA GLU B 147 -6.31 11.09 29.21
C GLU B 147 -6.62 10.08 30.29
N ARG B 148 -6.27 10.42 31.54
CA ARG B 148 -6.28 9.47 32.64
C ARG B 148 -7.16 9.81 33.85
N TRP B 149 -8.10 10.72 33.69
CA TRP B 149 -8.94 11.12 34.80
C TRP B 149 -9.80 9.94 35.31
N ARG B 150 -10.34 9.18 34.38
CA ARG B 150 -11.23 8.08 34.74
C ARG B 150 -10.49 7.02 35.57
N GLU B 151 -9.29 6.70 35.11
CA GLU B 151 -8.36 5.85 35.84
C GLU B 151 -8.05 6.41 37.25
N GLY B 152 -7.95 7.74 37.34
CA GLY B 152 -7.85 8.42 38.63
C GLY B 152 -9.03 8.09 39.56
N THR B 153 -10.24 8.31 39.07
CA THR B 153 -11.47 8.05 39.83
C THR B 153 -11.57 6.59 40.29
N HIS B 154 -11.15 5.67 39.42
CA HIS B 154 -11.25 4.23 39.75
C HIS B 154 -10.33 3.81 40.86
N GLY B 155 -9.13 4.37 40.85
CA GLY B 155 -8.16 4.16 41.93
C GLY B 155 -8.68 4.69 43.26
N LEU B 156 -9.31 5.85 43.19
CA LEU B 156 -9.97 6.43 44.34
C LEU B 156 -11.11 5.57 44.81
N PHE B 157 -11.95 5.10 43.90
CA PHE B 157 -13.05 4.19 44.29
C PHE B 157 -12.54 2.98 45.03
N ASP B 158 -11.45 2.39 44.52
CA ASP B 158 -10.80 1.26 45.26
C ASP B 158 -10.43 1.63 46.71
N VAL B 159 -9.78 2.78 46.89
CA VAL B 159 -9.33 3.20 48.26
C VAL B 159 -10.57 3.35 49.16
N TRP B 160 -11.59 3.97 48.61
CA TRP B 160 -12.79 4.37 49.36
C TRP B 160 -13.63 3.21 49.80
N LEU B 161 -13.69 2.20 48.94
CA LEU B 161 -14.43 0.97 49.25
C LEU B 161 -13.67 0.05 50.13
N ASP B 162 -12.35 0.21 50.10
CA ASP B 162 -11.38 -0.47 50.98
C ASP B 162 -11.59 -1.98 51.12
N GLY B 163 -12.03 -2.63 50.04
CA GLY B 163 -12.17 -4.10 50.06
C GLY B 163 -13.51 -4.59 50.52
N HIS B 164 -14.48 -3.65 50.61
CA HIS B 164 -15.82 -4.01 51.02
C HIS B 164 -16.84 -4.01 49.89
N ASP B 165 -17.72 -5.00 49.91
CA ASP B 165 -18.86 -5.06 49.01
C ASP B 165 -20.03 -4.31 49.62
N GLU B 166 -19.86 -3.00 49.65
CA GLU B 166 -20.76 -2.13 50.40
C GLU B 166 -21.74 -1.54 49.44
N LYS B 167 -22.91 -2.16 49.39
CA LYS B 167 -23.88 -1.94 48.32
C LYS B 167 -24.32 -0.47 48.15
N ARG B 168 -24.49 0.24 49.26
CA ARG B 168 -24.95 1.66 49.17
C ARG B 168 -23.88 2.54 48.63
N VAL B 169 -22.65 2.29 49.03
CA VAL B 169 -21.53 3.14 48.64
C VAL B 169 -21.16 2.88 47.18
N ARG B 170 -21.19 1.61 46.80
CA ARG B 170 -20.95 1.19 45.41
C ARG B 170 -21.88 1.87 44.50
N HIS B 171 -23.15 1.92 44.92
CA HIS B 171 -24.21 2.62 44.19
C HIS B 171 -23.96 4.10 44.02
N HIS B 172 -23.41 4.71 45.05
CA HIS B 172 -23.10 6.16 45.03
C HIS B 172 -21.95 6.46 44.06
N LEU B 173 -20.91 5.65 44.13
CA LEU B 173 -19.74 5.85 43.25
C LEU B 173 -20.05 5.50 41.78
N LEU B 174 -20.74 4.38 41.57
CA LEU B 174 -20.94 3.84 40.22
C LEU B 174 -22.18 4.36 39.52
N GLU B 175 -23.19 4.77 40.27
CA GLU B 175 -24.41 5.33 39.63
C GLU B 175 -24.52 6.84 39.88
N GLU B 176 -24.42 7.25 41.14
CA GLU B 176 -24.70 8.64 41.51
C GLU B 176 -23.61 9.59 41.08
N MET B 177 -22.40 9.10 40.89
CA MET B 177 -21.32 9.93 40.31
C MET B 177 -21.05 9.65 38.82
N ALA B 178 -21.89 8.83 38.17
CA ALA B 178 -21.63 8.39 36.77
C ALA B 178 -21.67 9.52 35.76
N ASP B 179 -22.51 10.51 36.03
CA ASP B 179 -22.70 11.62 35.09
C ASP B 179 -21.66 12.72 35.25
N TYR B 180 -20.75 12.58 36.21
CA TYR B 180 -19.71 13.59 36.35
C TYR B 180 -18.54 13.28 35.43
N GLY B 181 -18.08 14.32 34.73
CA GLY B 181 -16.97 14.20 33.75
C GLY B 181 -15.67 14.90 34.15
N TYR B 182 -14.75 14.96 33.19
CA TYR B 182 -13.42 15.52 33.39
C TYR B 182 -13.42 16.99 33.87
N ASP B 183 -14.39 17.76 33.44
CA ASP B 183 -14.49 19.14 33.83
C ASP B 183 -14.56 19.22 35.36
N CYS B 184 -15.32 18.32 35.97
CA CYS B 184 -15.40 18.26 37.40
C CYS B 184 -14.15 17.63 37.98
N TRP B 185 -13.89 16.38 37.59
CA TRP B 185 -12.82 15.60 38.20
C TRP B 185 -11.45 16.24 38.09
N GLY B 186 -11.16 16.84 36.94
CA GLY B 186 -9.91 17.55 36.73
C GLY B 186 -9.82 18.81 37.60
N ARG B 187 -10.95 19.48 37.74
CA ARG B 187 -11.01 20.66 38.63
C ARG B 187 -10.75 20.30 40.11
N SER B 188 -11.38 19.23 40.56
CA SER B 188 -11.22 18.73 41.92
C SER B 188 -9.72 18.48 42.20
N GLY B 189 -9.08 17.87 41.23
CA GLY B 189 -7.64 17.60 41.34
C GLY B 189 -6.84 18.88 41.49
N ARG B 190 -7.17 19.88 40.67
CA ARG B 190 -6.41 21.13 40.70
C ARG B 190 -6.64 21.85 42.03
N VAL B 191 -7.91 21.97 42.41
CA VAL B 191 -8.31 22.66 43.65
C VAL B 191 -7.80 22.01 44.91
N ILE B 192 -7.92 20.69 44.98
CA ILE B 192 -7.47 19.96 46.18
C ILE B 192 -5.94 20.03 46.29
N GLU B 193 -5.28 19.88 45.16
CA GLU B 193 -3.82 19.95 45.13
C GLU B 193 -3.36 21.34 45.56
N ASP B 194 -3.99 22.35 44.98
CA ASP B 194 -3.74 23.74 45.38
C ASP B 194 -4.01 23.98 46.89
N ALA B 195 -5.12 23.47 47.37
CA ALA B 195 -5.53 23.63 48.77
C ALA B 195 -4.44 23.16 49.71
N TYR B 196 -3.98 21.93 49.55
CA TYR B 196 -2.83 21.46 50.38
C TYR B 196 -1.54 22.24 50.18
N GLY B 197 -1.30 22.68 48.96
CA GLY B 197 -0.10 23.47 48.64
C GLY B 197 -0.06 24.82 49.34
N ARG B 198 -1.19 25.53 49.33
CA ARG B 198 -1.31 26.84 49.96
C ARG B 198 -1.52 26.79 51.49
N ASN B 199 -2.26 25.81 51.97
CA ASN B 199 -2.66 25.76 53.39
C ASN B 199 -1.88 24.75 54.19
N GLY B 200 -1.12 23.91 53.50
CA GLY B 200 -0.33 22.87 54.17
C GLY B 200 -1.09 21.56 54.35
N SER B 201 -2.14 21.65 55.14
CA SER B 201 -3.01 20.53 55.46
C SER B 201 -4.31 21.06 56.08
N PRO B 202 -5.32 20.23 56.22
CA PRO B 202 -6.52 20.64 56.94
C PRO B 202 -6.24 21.06 58.39
N MET B 203 -5.29 20.40 59.03
CA MET B 203 -4.91 20.71 60.39
C MET B 203 -4.22 22.05 60.50
N GLN B 204 -3.29 22.34 59.60
CA GLN B 204 -2.65 23.63 59.55
C GLN B 204 -3.70 24.76 59.27
N MET B 205 -4.59 24.53 58.32
CA MET B 205 -5.64 25.50 58.01
C MET B 205 -6.57 25.79 59.23
N MET B 206 -6.99 24.74 59.91
CA MET B 206 -7.80 24.86 61.13
C MET B 206 -7.05 25.57 62.27
N ALA B 207 -5.78 25.19 62.49
CA ALA B 207 -4.98 25.80 63.56
C ALA B 207 -4.75 27.27 63.29
N ASN B 208 -4.92 27.67 62.04
CA ASN B 208 -4.71 29.04 61.60
C ASN B 208 -5.98 29.90 61.58
N LEU B 209 -7.13 29.34 61.96
CA LEU B 209 -8.37 30.13 62.04
C LEU B 209 -8.12 31.33 62.96
N THR B 210 -8.62 32.49 62.57
CA THR B 210 -8.58 33.72 63.43
C THR B 210 -9.23 33.46 64.77
N LYS B 211 -10.37 32.79 64.73
CA LYS B 211 -11.13 32.43 65.92
C LYS B 211 -11.39 30.93 65.93
N THR B 212 -10.55 30.22 66.65
CA THR B 212 -10.69 28.80 66.75
C THR B 212 -11.91 28.51 67.61
N ARG B 213 -12.53 27.37 67.38
CA ARG B 213 -13.79 26.97 68.00
C ARG B 213 -13.94 25.45 67.80
N PRO B 214 -14.90 24.83 68.48
CA PRO B 214 -14.99 23.38 68.44
C PRO B 214 -15.20 22.79 67.04
N ILE B 215 -14.22 21.95 66.66
CA ILE B 215 -14.30 21.13 65.46
C ILE B 215 -13.98 19.66 65.84
N ARG B 216 -14.85 18.79 65.39
CA ARG B 216 -14.65 17.34 65.54
C ARG B 216 -14.50 16.67 64.18
N HIS B 217 -13.40 15.93 64.03
CA HIS B 217 -13.18 15.04 62.85
C HIS B 217 -13.74 13.65 63.09
N ILE B 218 -14.81 13.31 62.38
CA ILE B 218 -15.35 11.95 62.47
C ILE B 218 -15.03 11.18 61.14
N PHE B 219 -14.43 10.00 61.29
CA PHE B 219 -13.84 9.29 60.10
C PHE B 219 -13.78 7.78 60.28
N SER B 220 -13.79 7.09 59.15
CA SER B 220 -13.59 5.62 59.18
C SER B 220 -12.21 5.27 58.57
N GLN B 221 -11.71 6.12 57.69
CA GLN B 221 -10.43 5.83 57.09
C GLN B 221 -9.59 7.10 56.97
N PRO B 222 -8.26 6.95 56.80
CA PRO B 222 -7.49 5.73 56.77
C PRO B 222 -7.56 4.96 58.09
N THR B 223 -7.39 3.65 58.01
CA THR B 223 -7.67 2.80 59.16
C THR B 223 -6.47 2.51 59.98
N GLU B 224 -5.30 2.90 59.51
CA GLU B 224 -4.05 2.54 60.17
C GLU B 224 -3.80 3.40 61.39
N PRO B 225 -3.08 2.83 62.39
CA PRO B 225 -2.85 3.51 63.66
C PRO B 225 -2.05 4.79 63.59
N GLU B 226 -1.21 4.92 62.58
CA GLU B 226 -0.45 6.12 62.38
C GLU B 226 -1.38 7.29 61.98
N TYR B 227 -2.53 7.00 61.39
CA TYR B 227 -3.50 8.07 61.06
C TYR B 227 -4.28 8.50 62.29
N GLU B 228 -4.71 7.53 63.08
CA GLU B 228 -5.33 7.82 64.39
C GLU B 228 -4.42 8.73 65.23
N LYS B 229 -3.13 8.41 65.21
CA LYS B 229 -2.10 9.09 65.98
C LYS B 229 -1.96 10.59 65.65
N ILE B 230 -1.95 10.98 64.38
CA ILE B 230 -1.91 12.39 64.05
C ILE B 230 -3.22 13.08 64.48
N ASN B 231 -4.32 12.36 64.47
CA ASN B 231 -5.58 12.94 65.02
C ASN B 231 -5.49 13.16 66.56
N SER B 232 -4.99 12.19 67.31
CA SER B 232 -4.85 12.31 68.79
C SER B 232 -3.76 13.33 69.19
N ASP B 233 -2.67 13.39 68.43
CA ASP B 233 -1.63 14.36 68.68
C ASP B 233 -2.15 15.77 68.40
N PHE B 234 -2.91 15.94 67.32
CA PHE B 234 -3.51 17.24 67.03
C PHE B 234 -4.52 17.61 68.15
N ALA B 235 -5.31 16.65 68.60
CA ALA B 235 -6.30 16.87 69.62
C ALA B 235 -5.69 17.13 71.01
N GLU B 236 -4.50 16.63 71.27
CA GLU B 236 -3.80 16.87 72.55
C GLU B 236 -3.30 18.28 72.60
N GLN B 237 -2.97 18.81 71.45
CA GLN B 237 -2.43 20.15 71.35
C GLN B 237 -3.52 21.24 71.35
N HIS B 238 -4.73 20.89 70.92
CA HIS B 238 -5.79 21.90 70.65
C HIS B 238 -7.07 21.55 71.39
N PRO B 239 -7.39 22.32 72.44
CA PRO B 239 -8.56 22.03 73.29
C PRO B 239 -9.86 22.04 72.50
N TRP B 240 -9.89 22.83 71.44
CA TRP B 240 -11.07 22.91 70.55
C TRP B 240 -11.23 21.75 69.53
N PHE B 241 -10.21 20.93 69.40
CA PHE B 241 -10.27 19.82 68.40
C PHE B 241 -10.56 18.56 69.09
N SER B 242 -11.50 17.82 68.55
CA SER B 242 -11.71 16.43 68.94
C SER B 242 -11.93 15.55 67.67
N TYR B 243 -11.95 14.25 67.89
CA TYR B 243 -12.19 13.28 66.81
C TYR B 243 -12.87 12.04 67.33
N ALA B 244 -13.49 11.30 66.40
CA ALA B 244 -14.09 9.99 66.71
C ALA B 244 -13.92 9.02 65.51
N LYS B 245 -13.29 7.89 65.81
CA LYS B 245 -13.19 6.85 64.81
C LYS B 245 -14.46 6.03 64.80
N LEU B 246 -15.15 6.10 63.68
CA LEU B 246 -16.47 5.54 63.53
C LEU B 246 -16.47 4.05 63.22
N GLY B 247 -15.38 3.52 62.67
CA GLY B 247 -15.29 2.09 62.40
C GLY B 247 -16.22 1.59 61.31
N GLY B 248 -16.64 2.49 60.44
CA GLY B 248 -17.50 2.16 59.29
C GLY B 248 -16.63 1.63 58.16
N PRO B 249 -17.26 0.98 57.15
CA PRO B 249 -16.35 0.26 56.19
C PRO B 249 -15.67 1.16 55.18
N THR B 250 -16.31 2.25 54.79
CA THR B 250 -15.86 3.03 53.70
C THR B 250 -15.49 4.48 54.09
N HIS B 251 -15.00 5.17 53.08
CA HIS B 251 -14.75 6.61 53.05
C HIS B 251 -16.01 7.45 53.22
N PHE B 252 -17.19 6.84 53.13
CA PHE B 252 -18.48 7.54 53.16
C PHE B 252 -19.35 7.20 54.39
N PRO B 253 -18.96 7.69 55.59
CA PRO B 253 -19.75 7.40 56.78
C PRO B 253 -21.13 7.97 56.72
N ALA B 254 -21.33 9.06 56.02
CA ALA B 254 -22.69 9.60 55.87
C ALA B 254 -23.61 8.58 55.22
N ILE B 255 -23.03 7.70 54.39
CA ILE B 255 -23.84 6.64 53.73
C ILE B 255 -23.89 5.39 54.57
N ASP B 256 -22.74 4.94 55.05
CA ASP B 256 -22.65 3.59 55.63
C ASP B 256 -22.83 3.54 57.16
N VAL B 257 -22.65 4.66 57.86
CA VAL B 257 -22.98 4.68 59.31
C VAL B 257 -23.70 6.04 59.58
N PRO B 258 -24.84 6.27 58.93
CA PRO B 258 -25.53 7.58 59.03
C PRO B 258 -26.01 7.88 60.44
N ASP B 259 -26.44 6.84 61.14
CA ASP B 259 -26.88 6.95 62.50
C ASP B 259 -25.76 7.40 63.45
N ARG B 260 -24.51 7.06 63.13
CA ARG B 260 -23.40 7.46 63.95
C ARG B 260 -22.99 8.85 63.67
N ALA B 261 -22.88 9.20 62.39
CA ALA B 261 -22.61 10.56 61.98
C ALA B 261 -23.66 11.51 62.60
N ALA B 262 -24.93 11.08 62.53
CA ALA B 262 -26.05 11.87 63.07
C ALA B 262 -25.87 12.18 64.59
N VAL B 263 -25.42 11.22 65.38
CA VAL B 263 -25.31 11.46 66.83
C VAL B 263 -24.23 12.50 67.17
N HIS B 264 -23.19 12.61 66.36
CA HIS B 264 -22.16 13.60 66.59
C HIS B 264 -22.65 15.01 66.21
N ILE B 265 -23.43 15.05 65.16
CA ILE B 265 -24.02 16.25 64.66
C ILE B 265 -25.07 16.77 65.68
N ARG B 266 -25.93 15.89 66.17
CA ARG B 266 -26.86 16.21 67.24
C ARG B 266 -26.19 16.70 68.52
N GLU B 267 -25.07 16.07 68.88
CA GLU B 267 -24.31 16.47 70.06
C GLU B 267 -23.81 17.92 69.95
N PHE B 268 -23.27 18.25 68.80
CA PHE B 268 -22.76 19.57 68.54
C PHE B 268 -23.89 20.59 68.36
N ALA B 269 -24.96 20.17 67.72
CA ALA B 269 -26.19 20.98 67.63
C ALA B 269 -26.82 21.31 69.00
N THR B 270 -26.72 20.39 69.96
CA THR B 270 -27.27 20.57 71.31
C THR B 270 -26.37 21.47 72.15
N ALA B 271 -25.06 21.30 71.99
CA ALA B 271 -24.10 22.20 72.61
C ALA B 271 -24.35 23.65 72.15
N ILE B 272 -24.63 23.83 70.87
CA ILE B 272 -24.90 25.17 70.33
C ILE B 272 -26.21 25.76 70.94
N ARG B 273 -27.24 24.93 71.06
CA ARG B 273 -28.53 25.37 71.64
C ARG B 273 -28.37 25.79 73.11
N GLN B 274 -27.61 25.03 73.88
CA GLN B 274 -27.15 25.54 75.18
C GLN B 274 -26.07 26.61 75.02
N GLY B 275 -26.23 27.61 74.17
CA GLY B 275 -25.13 28.57 73.94
C GLY B 275 -23.92 27.97 73.20
N THR C 2 -1.97 -18.90 -60.70
CA THR C 2 -0.88 -19.52 -59.86
C THR C 2 -0.13 -20.63 -60.67
N ASP C 3 -0.64 -21.88 -60.72
CA ASP C 3 -0.14 -22.86 -61.72
C ASP C 3 -0.53 -22.45 -63.14
N THR C 4 -1.38 -21.42 -63.29
CA THR C 4 -1.63 -20.75 -64.60
C THR C 4 -0.34 -20.24 -65.24
N TYR C 5 0.69 -20.05 -64.43
CA TYR C 5 1.94 -19.44 -64.87
C TYR C 5 3.10 -20.40 -65.04
N LEU C 6 2.87 -21.68 -64.78
CA LEU C 6 3.96 -22.67 -64.75
C LEU C 6 4.25 -23.14 -66.20
N HIS C 7 5.52 -23.11 -66.58
CA HIS C 7 5.93 -23.55 -67.91
C HIS C 7 7.05 -24.55 -67.78
N GLU C 8 7.46 -25.11 -68.91
CA GLU C 8 8.58 -26.04 -68.97
C GLU C 8 9.33 -25.78 -70.25
N THR C 9 10.66 -25.87 -70.17
CA THR C 9 11.52 -25.71 -71.34
C THR C 9 12.80 -26.53 -71.19
N LEU C 10 13.38 -26.85 -72.34
CA LEU C 10 14.68 -27.53 -72.42
C LEU C 10 15.75 -26.47 -72.25
N VAL C 11 16.69 -26.74 -71.36
CA VAL C 11 17.74 -25.79 -71.04
C VAL C 11 19.03 -26.54 -71.03
N PHE C 12 19.82 -26.30 -72.06
CA PHE C 12 20.93 -27.19 -72.34
C PHE C 12 20.41 -28.63 -72.28
N ASP C 13 20.86 -29.41 -71.32
CA ASP C 13 20.48 -30.83 -71.25
C ASP C 13 19.20 -31.21 -70.53
N ASN C 14 18.59 -30.25 -69.85
CA ASN C 14 17.52 -30.56 -68.91
C ASN C 14 16.27 -29.78 -69.21
N LYS C 15 15.14 -30.42 -69.00
CA LYS C 15 13.86 -29.75 -69.04
C LYS C 15 13.67 -29.11 -67.67
N LEU C 16 13.56 -27.78 -67.65
CA LEU C 16 13.35 -27.05 -66.37
C LEU C 16 11.95 -26.47 -66.40
N SER C 17 11.25 -26.57 -65.28
CA SER C 17 10.02 -25.79 -65.10
C SER C 17 10.38 -24.41 -64.54
N TYR C 18 9.51 -23.44 -64.82
CA TYR C 18 9.70 -22.08 -64.37
C TYR C 18 8.33 -21.38 -64.40
N ILE C 19 8.20 -20.39 -63.50
CA ILE C 19 7.03 -19.51 -63.49
C ILE C 19 7.35 -18.32 -64.38
N ASP C 20 6.35 -17.86 -65.11
CA ASP C 20 6.44 -16.62 -65.86
C ASP C 20 5.01 -16.14 -66.06
N ASN C 21 4.70 -15.00 -65.46
CA ASN C 21 3.34 -14.44 -65.60
C ASN C 21 3.18 -13.76 -66.94
N GLN C 22 4.28 -13.59 -67.66
CA GLN C 22 4.29 -12.97 -68.98
C GLN C 22 3.64 -11.59 -69.02
N ARG C 23 3.73 -10.87 -67.91
CA ARG C 23 3.12 -9.53 -67.83
C ARG C 23 3.80 -8.61 -68.80
N ASP C 24 3.02 -7.98 -69.68
CA ASP C 24 3.57 -6.95 -70.58
C ASP C 24 3.62 -5.60 -69.86
N THR C 25 4.82 -5.21 -69.46
CA THR C 25 4.97 -3.99 -68.69
C THR C 25 6.38 -3.52 -68.77
N ASP C 26 6.66 -2.42 -68.12
CA ASP C 26 8.01 -1.88 -68.07
C ASP C 26 8.92 -2.69 -67.17
N GLY C 27 10.20 -2.70 -67.49
CA GLY C 27 11.17 -3.44 -66.68
C GLY C 27 11.45 -2.71 -65.38
N PRO C 28 12.19 -3.35 -64.47
CA PRO C 28 12.83 -4.63 -64.71
C PRO C 28 11.92 -5.80 -64.40
N ALA C 29 12.25 -6.94 -64.98
CA ALA C 29 11.58 -8.17 -64.60
C ALA C 29 12.10 -8.54 -63.22
N ILE C 30 11.22 -9.11 -62.41
CA ILE C 30 11.63 -9.61 -61.12
C ILE C 30 11.85 -11.11 -61.19
N LEU C 31 13.08 -11.48 -60.90
CA LEU C 31 13.52 -12.83 -60.96
C LEU C 31 13.65 -13.40 -59.57
N LEU C 32 12.74 -14.27 -59.20
CA LEU C 32 12.74 -14.87 -57.88
C LEU C 32 13.47 -16.17 -57.92
N LEU C 33 14.46 -16.29 -57.07
CA LEU C 33 15.34 -17.44 -57.05
C LEU C 33 15.13 -18.29 -55.82
N PRO C 34 14.68 -19.55 -55.99
CA PRO C 34 14.60 -20.51 -54.94
C PRO C 34 15.94 -20.96 -54.38
N GLY C 35 15.88 -21.39 -53.14
CA GLY C 35 17.00 -22.04 -52.49
C GLY C 35 17.01 -23.47 -52.93
N TRP C 36 17.68 -24.31 -52.16
CA TRP C 36 17.86 -25.74 -52.43
C TRP C 36 16.74 -26.63 -51.93
N CYS C 37 16.34 -27.54 -52.82
CA CYS C 37 15.39 -28.61 -52.48
C CYS C 37 14.00 -28.06 -52.23
N HIS C 38 13.72 -26.96 -52.88
CA HIS C 38 12.34 -26.58 -53.04
C HIS C 38 12.21 -25.84 -54.34
N ASP C 39 11.00 -25.41 -54.62
CA ASP C 39 10.64 -24.84 -55.90
C ASP C 39 9.75 -23.60 -55.72
N HIS C 40 9.27 -23.11 -56.86
CA HIS C 40 8.43 -21.93 -57.02
C HIS C 40 7.23 -21.81 -56.07
N ARG C 41 6.74 -22.94 -55.57
CA ARG C 41 5.67 -22.94 -54.57
C ARG C 41 6.00 -22.01 -53.33
N VAL C 42 7.28 -21.90 -52.95
CA VAL C 42 7.73 -21.01 -51.85
C VAL C 42 7.35 -19.56 -52.11
N TYR C 43 7.19 -19.22 -53.38
CA TYR C 43 6.95 -17.89 -53.82
C TYR C 43 5.51 -17.58 -54.14
N LYS C 44 4.60 -18.52 -53.90
CA LYS C 44 3.21 -18.32 -54.38
C LYS C 44 2.56 -17.04 -53.79
N TYR C 45 2.88 -16.70 -52.54
CA TYR C 45 2.30 -15.52 -51.88
C TYR C 45 2.97 -14.25 -52.38
N LEU C 46 4.29 -14.31 -52.54
CA LEU C 46 5.03 -13.18 -53.05
C LEU C 46 4.63 -12.87 -54.49
N ILE C 47 4.42 -13.90 -55.30
CA ILE C 47 3.99 -13.68 -56.69
C ILE C 47 2.65 -12.94 -56.76
N GLN C 48 1.73 -13.27 -55.88
CA GLN C 48 0.45 -12.55 -55.82
C GLN C 48 0.65 -11.05 -55.52
N GLU C 49 1.56 -10.77 -54.60
CA GLU C 49 1.87 -9.38 -54.25
C GLU C 49 2.40 -8.57 -55.41
N LEU C 50 3.14 -9.23 -56.28
CA LEU C 50 3.88 -8.54 -57.37
C LEU C 50 3.19 -8.66 -58.72
N ASP C 51 2.21 -9.56 -58.80
CA ASP C 51 1.67 -10.04 -60.10
C ASP C 51 1.16 -8.95 -61.03
N ALA C 52 0.38 -8.04 -60.46
CA ALA C 52 -0.26 -6.97 -61.23
C ALA C 52 0.70 -6.06 -61.93
N ASP C 53 1.86 -5.78 -61.32
CA ASP C 53 2.72 -4.63 -61.72
C ASP C 53 4.08 -4.98 -62.32
N PHE C 54 4.41 -6.26 -62.30
CA PHE C 54 5.71 -6.71 -62.72
C PHE C 54 5.64 -8.02 -63.50
N ARG C 55 6.58 -8.17 -64.41
CA ARG C 55 6.84 -9.50 -64.97
C ARG C 55 7.64 -10.26 -63.95
N VAL C 56 7.16 -11.43 -63.57
CA VAL C 56 7.76 -12.23 -62.53
C VAL C 56 8.13 -13.59 -63.12
N ILE C 57 9.41 -13.94 -62.97
CA ILE C 57 9.94 -15.21 -63.42
C ILE C 57 10.53 -15.96 -62.23
N VAL C 58 10.20 -17.24 -62.12
CA VAL C 58 10.83 -18.13 -61.15
C VAL C 58 11.33 -19.44 -61.77
N PRO C 59 12.66 -19.57 -61.96
CA PRO C 59 13.23 -20.82 -62.45
C PRO C 59 13.39 -21.87 -61.40
N ASN C 60 13.04 -23.09 -61.75
CA ASN C 60 13.34 -24.23 -60.91
C ASN C 60 14.61 -24.92 -61.34
N TRP C 61 15.40 -25.30 -60.37
CA TRP C 61 16.70 -25.83 -60.67
C TRP C 61 16.56 -27.28 -61.21
N ARG C 62 17.69 -27.78 -61.69
CA ARG C 62 17.76 -29.17 -62.16
C ARG C 62 17.30 -30.12 -61.06
N GLY C 63 16.40 -30.99 -61.45
CA GLY C 63 15.86 -31.98 -60.53
C GLY C 63 14.79 -31.45 -59.57
N HIS C 64 14.47 -30.15 -59.67
CA HIS C 64 13.50 -29.46 -58.80
C HIS C 64 12.19 -29.21 -59.55
N GLY C 65 11.10 -29.23 -58.82
CA GLY C 65 9.82 -28.91 -59.41
C GLY C 65 8.74 -29.73 -58.75
N LEU C 66 7.55 -29.71 -59.32
CA LEU C 66 6.41 -30.47 -58.78
C LEU C 66 6.66 -31.99 -58.80
N SER C 67 7.53 -32.43 -59.71
CA SER C 67 8.02 -33.82 -59.75
C SER C 67 9.57 -33.90 -59.71
N PRO C 68 10.14 -33.87 -58.50
CA PRO C 68 11.60 -33.85 -58.44
C PRO C 68 12.19 -35.10 -59.08
N SER C 69 13.43 -34.99 -59.56
CA SER C 69 14.10 -36.16 -60.11
C SER C 69 15.60 -36.09 -59.85
N GLU C 70 16.22 -37.27 -59.81
CA GLU C 70 17.67 -37.39 -59.72
C GLU C 70 18.27 -36.86 -61.00
N VAL C 71 19.33 -36.08 -60.84
CA VAL C 71 20.03 -35.47 -61.95
C VAL C 71 21.49 -35.59 -61.63
N PRO C 72 22.35 -35.38 -62.63
CA PRO C 72 23.77 -35.35 -62.35
C PRO C 72 24.20 -34.13 -61.55
N ASP C 73 25.35 -34.23 -60.91
CA ASP C 73 25.83 -33.22 -59.99
C ASP C 73 26.02 -31.89 -60.69
N PHE C 74 25.69 -30.82 -59.97
CA PHE C 74 25.82 -29.44 -60.44
C PHE C 74 25.82 -28.50 -59.22
N GLY C 75 26.23 -27.28 -59.46
CA GLY C 75 26.39 -26.27 -58.42
C GLY C 75 25.80 -24.93 -58.79
N TYR C 76 26.24 -23.91 -58.07
CA TYR C 76 25.62 -22.59 -58.25
C TYR C 76 25.98 -21.94 -59.53
N GLN C 77 27.20 -22.23 -60.00
CA GLN C 77 27.65 -21.77 -61.32
CA GLN C 77 27.66 -21.77 -61.31
C GLN C 77 26.70 -22.27 -62.40
N GLU C 78 26.27 -23.52 -62.31
CA GLU C 78 25.28 -24.09 -63.25
C GLU C 78 23.88 -23.48 -63.08
N GLN C 79 23.48 -23.24 -61.83
CA GLN C 79 22.19 -22.58 -61.58
C GLN C 79 22.18 -21.21 -62.28
N VAL C 80 23.29 -20.49 -62.15
CA VAL C 80 23.47 -19.20 -62.86
C VAL C 80 23.23 -19.31 -64.39
N LYS C 81 23.89 -20.27 -65.01
CA LYS C 81 23.78 -20.47 -66.50
C LYS C 81 22.37 -20.82 -66.86
N ASP C 82 21.76 -21.68 -66.06
CA ASP C 82 20.39 -22.08 -66.29
C ASP C 82 19.46 -20.87 -66.26
N ALA C 83 19.66 -20.02 -65.25
CA ALA C 83 18.82 -18.84 -65.08
C ALA C 83 18.99 -17.88 -66.24
N LEU C 84 20.21 -17.64 -66.66
CA LEU C 84 20.47 -16.73 -67.78
C LEU C 84 19.91 -17.32 -69.07
N GLU C 85 19.97 -18.63 -69.20
CA GLU C 85 19.45 -19.30 -70.40
C GLU C 85 17.94 -19.13 -70.46
N ILE C 86 17.24 -19.24 -69.31
CA ILE C 86 15.75 -19.03 -69.28
C ILE C 86 15.41 -17.58 -69.62
N LEU C 87 16.22 -16.66 -69.11
CA LEU C 87 16.06 -15.25 -69.45
C LEU C 87 16.30 -15.00 -70.93
N ASP C 88 17.33 -15.59 -71.48
CA ASP C 88 17.61 -15.42 -72.93
C ASP C 88 16.48 -15.98 -73.81
N GLN C 89 16.04 -17.19 -73.53
CA GLN C 89 14.86 -17.77 -74.18
C GLN C 89 13.64 -16.87 -74.05
N LEU C 90 13.50 -16.18 -72.92
CA LEU C 90 12.29 -15.33 -72.71
C LEU C 90 12.48 -13.92 -73.28
N GLY C 91 13.68 -13.61 -73.74
CA GLY C 91 14.00 -12.25 -74.24
C GLY C 91 14.11 -11.18 -73.15
N VAL C 92 14.30 -11.61 -71.90
CA VAL C 92 14.36 -10.65 -70.77
C VAL C 92 15.71 -9.97 -70.74
N GLU C 93 15.70 -8.65 -70.77
CA GLU C 93 16.92 -7.87 -70.75
C GLU C 93 17.28 -7.52 -69.29
N THR C 94 16.73 -6.43 -68.77
CA THR C 94 17.04 -5.99 -67.40
C THR C 94 16.20 -6.75 -66.38
N PHE C 95 16.83 -7.16 -65.29
CA PHE C 95 16.12 -7.85 -64.22
C PHE C 95 16.64 -7.54 -62.82
N LEU C 96 15.73 -7.64 -61.85
CA LEU C 96 16.05 -7.57 -60.41
C LEU C 96 15.96 -8.97 -59.80
N PRO C 97 17.12 -9.58 -59.45
CA PRO C 97 17.07 -10.83 -58.81
C PRO C 97 16.78 -10.71 -57.33
N VAL C 98 15.96 -11.61 -56.85
CA VAL C 98 15.60 -11.73 -55.45
C VAL C 98 15.81 -13.18 -55.06
N SER C 99 16.62 -13.44 -54.07
CA SER C 99 16.84 -14.80 -53.65
C SER C 99 16.33 -15.18 -52.26
N HIS C 100 16.13 -16.48 -52.08
CA HIS C 100 15.82 -17.04 -50.78
C HIS C 100 16.96 -17.89 -50.28
N SER C 101 17.35 -17.64 -49.03
CA SER C 101 18.40 -18.32 -48.38
C SER C 101 19.55 -18.57 -49.40
N HIS C 102 20.02 -19.82 -49.50
CA HIS C 102 21.27 -20.14 -50.28
C HIS C 102 21.10 -20.08 -51.82
N GLY C 103 19.90 -19.71 -52.26
CA GLY C 103 19.68 -19.14 -53.59
C GLY C 103 20.52 -17.90 -53.81
N GLY C 104 21.03 -17.36 -52.69
CA GLY C 104 21.86 -16.16 -52.73
C GLY C 104 23.21 -16.36 -53.40
N TRP C 105 23.79 -17.56 -53.27
CA TRP C 105 25.06 -17.89 -53.97
C TRP C 105 24.88 -17.72 -55.50
N VAL C 106 23.73 -18.16 -55.99
CA VAL C 106 23.30 -17.93 -57.40
C VAL C 106 23.17 -16.44 -57.71
N LEU C 107 22.43 -15.75 -56.83
CA LEU C 107 22.15 -14.30 -57.04
C LEU C 107 23.44 -13.51 -57.17
N VAL C 108 24.38 -13.75 -56.30
CA VAL C 108 25.61 -12.95 -56.24
C VAL C 108 26.49 -13.29 -57.50
N GLU C 109 26.53 -14.57 -57.86
CA GLU C 109 27.28 -15.00 -59.09
C GLU C 109 26.60 -14.45 -60.32
N LEU C 110 25.28 -14.43 -60.30
CA LEU C 110 24.47 -13.85 -61.38
C LEU C 110 24.73 -12.36 -61.57
N LEU C 111 24.91 -11.65 -60.44
CA LEU C 111 25.27 -10.23 -60.51
C LEU C 111 26.64 -10.07 -61.20
N GLU C 112 27.59 -10.89 -60.82
CA GLU C 112 28.93 -10.80 -61.42
C GLU C 112 28.84 -11.08 -62.95
N GLN C 113 28.14 -12.15 -63.27
CA GLN C 113 28.07 -12.68 -64.62
C GLN C 113 27.26 -11.79 -65.55
N ALA C 114 26.09 -11.39 -65.09
CA ALA C 114 25.21 -10.50 -65.89
C ALA C 114 25.71 -9.08 -65.96
N GLY C 115 26.43 -8.65 -64.93
CA GLY C 115 26.89 -7.24 -64.86
C GLY C 115 25.82 -6.26 -64.44
N PRO C 116 26.23 -5.02 -64.06
CA PRO C 116 25.36 -4.03 -63.43
C PRO C 116 24.35 -3.37 -64.34
N GLU C 117 24.55 -3.46 -65.65
CA GLU C 117 23.62 -2.86 -66.61
C GLU C 117 22.40 -3.75 -66.70
N ARG C 118 22.64 -5.05 -66.77
CA ARG C 118 21.56 -6.03 -66.84
C ARG C 118 20.93 -6.37 -65.48
N ALA C 119 21.76 -6.34 -64.42
CA ALA C 119 21.34 -6.70 -63.04
C ALA C 119 21.89 -5.65 -62.07
N PRO C 120 21.23 -4.48 -62.03
CA PRO C 120 21.79 -3.30 -61.36
C PRO C 120 21.67 -3.34 -59.84
N ARG C 121 20.80 -4.20 -59.32
CA ARG C 121 20.58 -4.35 -57.88
C ARG C 121 20.17 -5.76 -57.56
N GLY C 122 20.19 -6.10 -56.28
CA GLY C 122 19.72 -7.40 -55.82
C GLY C 122 19.14 -7.31 -54.42
N ILE C 123 18.18 -8.19 -54.17
CA ILE C 123 17.67 -8.42 -52.83
C ILE C 123 17.94 -9.87 -52.43
N ILE C 124 18.57 -10.03 -51.29
CA ILE C 124 18.80 -11.34 -50.69
C ILE C 124 17.90 -11.50 -49.44
N MET C 125 17.17 -12.61 -49.39
CA MET C 125 16.34 -12.90 -48.24
C MET C 125 16.92 -13.98 -47.36
N ASP C 126 16.89 -13.71 -46.05
CA ASP C 126 17.19 -14.66 -45.00
C ASP C 126 18.31 -15.65 -45.36
N TRP C 127 19.52 -15.11 -45.40
CA TRP C 127 20.69 -15.86 -45.83
C TRP C 127 21.80 -15.71 -44.83
N LEU C 128 22.28 -16.86 -44.32
CA LEU C 128 23.33 -16.86 -43.31
C LEU C 128 24.62 -16.14 -43.71
N MET C 129 24.76 -14.91 -43.15
CA MET C 129 25.83 -14.01 -43.55
C MET C 129 27.17 -14.38 -43.01
N TRP C 130 27.20 -15.11 -41.93
CA TRP C 130 28.45 -15.51 -41.34
C TRP C 130 28.81 -16.96 -41.73
N ALA C 131 30.09 -17.29 -41.59
CA ALA C 131 30.59 -18.65 -41.89
C ALA C 131 29.90 -19.61 -40.97
N PRO C 132 29.69 -20.86 -41.41
CA PRO C 132 28.84 -21.76 -40.65
C PRO C 132 29.22 -21.86 -39.18
N LYS C 133 28.26 -21.58 -38.33
CA LYS C 133 28.38 -21.91 -36.91
C LYS C 133 28.29 -23.44 -36.72
N PRO C 134 28.68 -23.95 -35.54
CA PRO C 134 28.69 -25.39 -35.35
C PRO C 134 27.40 -26.14 -35.58
N ASP C 135 26.26 -25.54 -35.23
CA ASP C 135 24.99 -26.25 -35.39
C ASP C 135 24.73 -26.40 -36.90
N PHE C 136 24.93 -25.34 -37.63
CA PHE C 136 24.66 -25.36 -39.07
C PHE C 136 25.69 -26.22 -39.86
N ALA C 137 26.95 -26.13 -39.46
CA ALA C 137 28.01 -26.99 -40.01
C ALA C 137 27.60 -28.45 -39.83
N LYS C 138 27.13 -28.79 -38.62
CA LYS C 138 26.64 -30.13 -38.31
C LYS C 138 25.51 -30.55 -39.23
N SER C 139 24.52 -29.65 -39.39
CA SER C 139 23.41 -29.87 -40.28
C SER C 139 23.88 -30.24 -41.70
N LEU C 140 24.82 -29.49 -42.20
CA LEU C 140 25.33 -29.75 -43.54
C LEU C 140 25.93 -31.18 -43.60
N THR C 141 26.64 -31.57 -42.55
CA THR C 141 27.32 -32.87 -42.53
C THR C 141 26.27 -33.97 -42.58
N LEU C 142 25.17 -33.73 -41.88
CA LEU C 142 24.05 -34.67 -41.82
C LEU C 142 23.37 -34.83 -43.19
N LEU C 143 23.14 -33.73 -43.88
CA LEU C 143 22.50 -33.73 -45.18
C LEU C 143 23.32 -34.53 -46.23
N LYS C 144 24.64 -34.44 -46.09
CA LYS C 144 25.59 -35.17 -46.95
C LYS C 144 25.59 -36.68 -46.70
N ASP C 145 25.08 -37.11 -45.55
CA ASP C 145 25.08 -38.49 -45.07
C ASP C 145 23.85 -39.27 -45.61
N PRO C 146 24.08 -40.33 -46.41
CA PRO C 146 22.96 -41.10 -46.97
C PRO C 146 22.11 -41.77 -45.90
N GLU C 147 22.70 -41.98 -44.74
CA GLU C 147 22.01 -42.59 -43.60
C GLU C 147 21.23 -41.57 -42.79
N ARG C 148 21.71 -40.33 -42.77
CA ARG C 148 21.19 -39.28 -41.86
C ARG C 148 20.70 -37.98 -42.50
N TRP C 149 20.45 -38.00 -43.81
CA TRP C 149 20.05 -36.80 -44.51
C TRP C 149 18.67 -36.32 -44.02
N ARG C 150 17.78 -37.25 -43.75
CA ARG C 150 16.41 -36.89 -43.28
C ARG C 150 16.44 -36.22 -41.90
N GLU C 151 17.24 -36.78 -41.01
CA GLU C 151 17.55 -36.18 -39.74
C GLU C 151 18.15 -34.78 -39.90
N GLY C 152 18.98 -34.60 -40.91
CA GLY C 152 19.50 -33.29 -41.27
C GLY C 152 18.38 -32.27 -41.53
N THR C 153 17.43 -32.65 -42.40
CA THR C 153 16.32 -31.80 -42.82
C THR C 153 15.40 -31.44 -41.62
N HIS C 154 15.19 -32.39 -40.73
CA HIS C 154 14.35 -32.20 -39.55
C HIS C 154 14.94 -31.19 -38.54
N GLY C 155 16.25 -31.26 -38.34
CA GLY C 155 16.98 -30.30 -37.50
C GLY C 155 16.89 -28.89 -38.06
N LEU C 156 16.92 -28.80 -39.39
CA LEU C 156 16.81 -27.56 -40.12
C LEU C 156 15.36 -27.04 -40.04
N PHE C 157 14.38 -27.90 -40.27
CA PHE C 157 13.00 -27.50 -40.12
C PHE C 157 12.77 -26.90 -38.72
N ASP C 158 13.35 -27.49 -37.71
CA ASP C 158 13.27 -26.96 -36.33
C ASP C 158 13.83 -25.55 -36.19
N VAL C 159 15.00 -25.31 -36.78
CA VAL C 159 15.60 -24.00 -36.75
C VAL C 159 14.72 -22.97 -37.45
N TRP C 160 14.16 -23.34 -38.59
CA TRP C 160 13.46 -22.45 -39.49
C TRP C 160 12.08 -22.03 -38.97
N LEU C 161 11.43 -22.93 -38.29
CA LEU C 161 10.13 -22.66 -37.69
C LEU C 161 10.29 -21.90 -36.36
N ASP C 162 11.44 -22.11 -35.72
CA ASP C 162 11.90 -21.38 -34.54
C ASP C 162 10.84 -21.35 -33.41
N GLY C 163 10.11 -22.42 -33.23
CA GLY C 163 9.18 -22.55 -32.13
C GLY C 163 7.82 -21.98 -32.44
N HIS C 164 7.59 -21.69 -33.69
CA HIS C 164 6.29 -21.20 -34.17
C HIS C 164 5.41 -22.27 -34.84
N ASP C 165 4.11 -22.28 -34.51
CA ASP C 165 3.09 -23.06 -35.22
C ASP C 165 2.61 -22.28 -36.42
N GLU C 166 3.49 -22.13 -37.37
CA GLU C 166 3.25 -21.25 -38.49
C GLU C 166 2.73 -22.10 -39.67
N LYS C 167 1.42 -22.11 -39.82
CA LYS C 167 0.69 -23.02 -40.71
C LYS C 167 1.15 -23.05 -42.20
N ARG C 168 1.46 -21.89 -42.75
CA ARG C 168 1.86 -21.80 -44.15
C ARG C 168 3.27 -22.35 -44.40
N VAL C 169 4.14 -22.14 -43.42
CA VAL C 169 5.53 -22.52 -43.50
C VAL C 169 5.68 -24.00 -43.21
N ARG C 170 4.96 -24.48 -42.20
CA ARG C 170 4.86 -25.87 -41.88
C ARG C 170 4.36 -26.64 -43.14
N HIS C 171 3.35 -26.14 -43.81
CA HIS C 171 2.85 -26.74 -45.08
C HIS C 171 3.93 -26.82 -46.18
N HIS C 172 4.74 -25.78 -46.29
CA HIS C 172 5.81 -25.72 -47.29
C HIS C 172 6.91 -26.76 -46.97
N LEU C 173 7.28 -26.88 -45.70
CA LEU C 173 8.30 -27.82 -45.31
C LEU C 173 7.81 -29.30 -45.41
N LEU C 174 6.61 -29.57 -44.92
CA LEU C 174 6.15 -30.90 -44.69
C LEU C 174 5.36 -31.46 -45.85
N GLU C 175 4.87 -30.60 -46.71
CA GLU C 175 4.15 -31.05 -47.88
C GLU C 175 4.90 -30.69 -49.17
N GLU C 176 5.27 -29.44 -49.31
CA GLU C 176 5.80 -28.95 -50.56
C GLU C 176 7.26 -29.34 -50.79
N MET C 177 7.97 -29.71 -49.74
CA MET C 177 9.31 -30.32 -49.86
C MET C 177 9.32 -31.86 -49.65
N ALA C 178 8.15 -32.46 -49.51
CA ALA C 178 8.07 -33.91 -49.15
C ALA C 178 8.66 -34.83 -50.25
N ASP C 179 8.52 -34.41 -51.49
CA ASP C 179 8.97 -35.23 -52.60
C ASP C 179 10.46 -35.11 -52.90
N TYR C 180 11.18 -34.27 -52.16
CA TYR C 180 12.61 -34.11 -52.39
C TYR C 180 13.35 -35.14 -51.59
N GLY C 181 14.35 -35.76 -52.23
CA GLY C 181 15.14 -36.86 -51.63
C GLY C 181 16.62 -36.56 -51.45
N TYR C 182 17.36 -37.61 -51.08
CA TYR C 182 18.80 -37.53 -50.77
C TYR C 182 19.66 -36.97 -51.92
N ASP C 183 19.24 -37.21 -53.14
CA ASP C 183 19.95 -36.69 -54.28
C ASP C 183 19.99 -35.16 -54.24
N CYS C 184 18.85 -34.58 -53.84
CA CYS C 184 18.77 -33.12 -53.67
C CYS C 184 19.49 -32.68 -52.40
N TRP C 185 19.02 -33.21 -51.28
CA TRP C 185 19.48 -32.77 -49.97
C TRP C 185 20.98 -32.97 -49.78
N GLY C 186 21.49 -34.13 -50.19
CA GLY C 186 22.95 -34.40 -50.13
C GLY C 186 23.74 -33.47 -51.01
N ARG C 187 23.20 -33.13 -52.17
CA ARG C 187 23.86 -32.12 -53.03
C ARG C 187 23.89 -30.67 -52.40
N SER C 188 22.75 -30.25 -51.86
CA SER C 188 22.65 -28.91 -51.22
C SER C 188 23.77 -28.81 -50.16
N GLY C 189 23.88 -29.85 -49.37
CA GLY C 189 24.91 -29.93 -48.34
C GLY C 189 26.31 -29.79 -48.91
N ARG C 190 26.58 -30.45 -50.03
CA ARG C 190 27.93 -30.40 -50.60
C ARG C 190 28.17 -29.02 -51.19
N VAL C 191 27.21 -28.53 -51.94
CA VAL C 191 27.36 -27.25 -52.63
C VAL C 191 27.50 -26.05 -51.66
N ILE C 192 26.69 -26.09 -50.60
CA ILE C 192 26.65 -24.97 -49.63
C ILE C 192 27.92 -24.97 -48.78
N GLU C 193 28.31 -26.16 -48.34
CA GLU C 193 29.56 -26.34 -47.64
C GLU C 193 30.74 -25.88 -48.47
N ASP C 194 30.77 -26.31 -49.73
CA ASP C 194 31.78 -25.83 -50.68
C ASP C 194 31.77 -24.31 -50.88
N ALA C 195 30.56 -23.74 -51.07
CA ALA C 195 30.36 -22.30 -51.30
C ALA C 195 30.99 -21.43 -50.20
N TYR C 196 30.71 -21.75 -48.95
CA TYR C 196 31.39 -21.06 -47.82
C TYR C 196 32.90 -21.31 -47.80
N GLY C 197 33.30 -22.54 -48.08
CA GLY C 197 34.73 -22.91 -48.10
C GLY C 197 35.49 -22.03 -49.07
N ARG C 198 35.00 -21.94 -50.30
CA ARG C 198 35.68 -21.23 -51.37
C ARG C 198 35.51 -19.71 -51.32
N ASN C 199 34.33 -19.25 -50.87
CA ASN C 199 34.02 -17.81 -50.89
C ASN C 199 34.13 -17.13 -49.51
N GLY C 200 34.29 -17.93 -48.47
CA GLY C 200 34.39 -17.42 -47.11
C GLY C 200 33.01 -17.23 -46.44
N SER C 201 32.22 -16.37 -47.04
CA SER C 201 30.85 -16.09 -46.57
C SER C 201 30.14 -15.33 -47.68
N PRO C 202 28.82 -15.19 -47.60
CA PRO C 202 28.10 -14.33 -48.49
C PRO C 202 28.63 -12.89 -48.51
N MET C 203 29.00 -12.38 -47.36
CA MET C 203 29.56 -11.01 -47.27
C MET C 203 30.90 -10.87 -47.98
N GLN C 204 31.79 -11.81 -47.73
CA GLN C 204 33.09 -11.84 -48.46
C GLN C 204 32.88 -11.90 -49.97
N MET C 205 32.00 -12.81 -50.42
CA MET C 205 31.65 -12.94 -51.84
C MET C 205 31.10 -11.64 -52.41
N MET C 206 30.17 -11.00 -51.69
CA MET C 206 29.62 -9.70 -52.17
C MET C 206 30.66 -8.61 -52.19
N ALA C 207 31.46 -8.52 -51.14
CA ALA C 207 32.52 -7.50 -51.10
C ALA C 207 33.54 -7.71 -52.26
N ASN C 208 33.59 -8.91 -52.78
CA ASN C 208 34.53 -9.26 -53.86
C ASN C 208 33.96 -9.06 -55.28
N LEU C 209 32.70 -8.61 -55.39
CA LEU C 209 32.14 -8.35 -56.71
C LEU C 209 33.06 -7.39 -57.41
N THR C 210 33.23 -7.59 -58.72
CA THR C 210 34.00 -6.66 -59.57
C THR C 210 33.37 -5.31 -59.61
N LYS C 211 32.06 -5.32 -59.77
CA LYS C 211 31.25 -4.11 -59.83
C LYS C 211 30.18 -4.17 -58.75
N THR C 212 30.50 -3.58 -57.60
CA THR C 212 29.58 -3.58 -56.48
C THR C 212 28.44 -2.63 -56.83
N ARG C 213 27.27 -2.90 -56.26
CA ARG C 213 26.05 -2.21 -56.56
C ARG C 213 25.06 -2.49 -55.43
N PRO C 214 23.92 -1.79 -55.41
CA PRO C 214 23.03 -1.93 -54.24
C PRO C 214 22.47 -3.30 -53.99
N ILE C 215 22.79 -3.84 -52.83
CA ILE C 215 22.22 -5.08 -52.37
C ILE C 215 21.63 -4.86 -50.98
N ARG C 216 20.43 -5.36 -50.77
CA ARG C 216 19.80 -5.36 -49.42
C ARG C 216 19.52 -6.76 -48.92
N HIS C 217 19.96 -7.06 -47.72
CA HIS C 217 19.59 -8.27 -47.03
C HIS C 217 18.33 -8.04 -46.14
N ILE C 218 17.21 -8.67 -46.48
CA ILE C 218 16.02 -8.69 -45.66
C ILE C 218 15.87 -10.05 -45.01
N PHE C 219 15.75 -10.07 -43.69
CA PHE C 219 15.73 -11.32 -42.96
C PHE C 219 14.92 -11.22 -41.63
N SER C 220 14.45 -12.37 -41.19
CA SER C 220 13.81 -12.49 -39.86
C SER C 220 14.67 -13.27 -38.90
N GLN C 221 15.56 -14.14 -39.41
CA GLN C 221 16.42 -14.90 -38.51
C GLN C 221 17.85 -14.92 -39.08
N PRO C 222 18.86 -15.25 -38.27
CA PRO C 222 18.79 -15.47 -36.84
C PRO C 222 18.33 -14.21 -36.09
N THR C 223 17.74 -14.41 -34.91
CA THR C 223 17.04 -13.32 -34.21
C THR C 223 17.93 -12.58 -33.21
N GLU C 224 19.08 -13.16 -32.90
CA GLU C 224 19.94 -12.63 -31.88
C GLU C 224 20.64 -11.35 -32.30
N PRO C 225 20.93 -10.50 -31.33
CA PRO C 225 21.55 -9.20 -31.64
C PRO C 225 22.94 -9.30 -32.25
N GLU C 226 23.68 -10.35 -31.93
CA GLU C 226 25.00 -10.50 -32.54
C GLU C 226 24.90 -10.66 -34.07
N TYR C 227 23.79 -11.22 -34.57
CA TYR C 227 23.61 -11.39 -36.02
C TYR C 227 23.30 -10.08 -36.65
N GLU C 228 22.37 -9.35 -36.01
CA GLU C 228 22.04 -7.98 -36.47
C GLU C 228 23.29 -7.14 -36.58
N LYS C 229 24.19 -7.36 -35.63
CA LYS C 229 25.44 -6.59 -35.51
C LYS C 229 26.41 -6.81 -36.69
N ILE C 230 26.58 -8.05 -37.15
CA ILE C 230 27.41 -8.27 -38.35
C ILE C 230 26.75 -7.63 -39.57
N ASN C 231 25.42 -7.58 -39.62
CA ASN C 231 24.76 -6.88 -40.72
C ASN C 231 24.99 -5.36 -40.67
N SER C 232 24.88 -4.77 -39.49
CA SER C 232 25.12 -3.29 -39.38
C SER C 232 26.57 -2.93 -39.57
N ASP C 233 27.47 -3.75 -39.06
CA ASP C 233 28.90 -3.55 -39.30
C ASP C 233 29.28 -3.64 -40.78
N PHE C 234 28.69 -4.60 -41.48
CA PHE C 234 28.95 -4.76 -42.92
C PHE C 234 28.38 -3.57 -43.68
N ALA C 235 27.19 -3.15 -43.28
CA ALA C 235 26.53 -2.00 -43.89
C ALA C 235 27.26 -0.69 -43.66
N GLU C 236 27.89 -0.55 -42.51
CA GLU C 236 28.65 0.69 -42.18
C GLU C 236 29.88 0.78 -43.07
N GLN C 237 30.43 -0.38 -43.39
CA GLN C 237 31.63 -0.45 -44.20
C GLN C 237 31.35 -0.27 -45.71
N HIS C 238 30.15 -0.60 -46.15
CA HIS C 238 29.83 -0.65 -47.57
C HIS C 238 28.61 0.17 -47.87
N PRO C 239 28.76 1.31 -48.58
CA PRO C 239 27.67 2.20 -48.98
C PRO C 239 26.61 1.51 -49.81
N TRP C 240 27.00 0.48 -50.56
CA TRP C 240 26.06 -0.27 -51.40
C TRP C 240 25.23 -1.31 -50.65
N PHE C 241 25.62 -1.68 -49.44
CA PHE C 241 24.90 -2.71 -48.70
C PHE C 241 23.92 -2.11 -47.64
N SER C 242 22.73 -2.66 -47.60
CA SER C 242 21.74 -2.31 -46.59
C SER C 242 21.04 -3.58 -46.14
N TYR C 243 20.35 -3.45 -45.03
CA TYR C 243 19.55 -4.53 -44.51
C TYR C 243 18.25 -4.03 -43.88
N ALA C 244 17.33 -4.96 -43.71
CA ALA C 244 16.09 -4.74 -42.95
C ALA C 244 15.72 -5.98 -42.20
N LYS C 245 15.63 -5.86 -40.88
CA LYS C 245 15.05 -6.91 -40.06
C LYS C 245 13.50 -6.83 -40.12
N LEU C 246 12.90 -7.92 -40.58
CA LEU C 246 11.50 -7.96 -40.94
C LEU C 246 10.64 -8.39 -39.81
N GLY C 247 11.21 -9.07 -38.85
CA GLY C 247 10.49 -9.46 -37.62
C GLY C 247 9.50 -10.56 -37.84
N GLY C 248 9.61 -11.27 -38.98
CA GLY C 248 8.67 -12.36 -39.30
C GLY C 248 9.01 -13.54 -38.44
N PRO C 249 8.09 -14.54 -38.32
CA PRO C 249 8.38 -15.60 -37.37
C PRO C 249 9.41 -16.65 -37.77
N THR C 250 9.58 -16.87 -39.08
CA THR C 250 10.37 -18.02 -39.63
C THR C 250 11.47 -17.59 -40.64
N HIS C 251 12.23 -18.59 -41.03
CA HIS C 251 13.25 -18.52 -42.07
C HIS C 251 12.71 -18.18 -43.43
N PHE C 252 11.36 -18.23 -43.60
CA PHE C 252 10.69 -17.94 -44.87
C PHE C 252 9.78 -16.69 -44.91
N PRO C 253 10.39 -15.48 -44.99
CA PRO C 253 9.61 -14.26 -45.09
C PRO C 253 8.79 -14.17 -46.33
N ALA C 254 9.24 -14.82 -47.41
CA ALA C 254 8.46 -14.76 -48.66
C ALA C 254 7.10 -15.40 -48.41
N ILE C 255 7.05 -16.32 -47.48
CA ILE C 255 5.82 -16.99 -47.09
C ILE C 255 5.06 -16.28 -45.93
N ASP C 256 5.77 -15.95 -44.86
CA ASP C 256 5.08 -15.43 -43.64
C ASP C 256 4.92 -13.89 -43.60
N VAL C 257 5.74 -13.15 -44.31
CA VAL C 257 5.56 -11.69 -44.44
C VAL C 257 5.73 -11.24 -45.89
N PRO C 258 4.94 -11.82 -46.79
CA PRO C 258 5.12 -11.54 -48.20
C PRO C 258 4.91 -10.08 -48.55
N ASP C 259 3.99 -9.43 -47.84
CA ASP C 259 3.74 -8.01 -48.06
C ASP C 259 4.98 -7.16 -47.76
N ARG C 260 5.76 -7.57 -46.78
CA ARG C 260 6.96 -6.82 -46.40
C ARG C 260 8.13 -7.10 -47.36
N ALA C 261 8.30 -8.37 -47.69
CA ALA C 261 9.28 -8.75 -48.75
C ALA C 261 8.98 -7.98 -50.01
N ALA C 262 7.71 -7.91 -50.35
CA ALA C 262 7.25 -7.19 -51.53
C ALA C 262 7.63 -5.70 -51.58
N VAL C 263 7.47 -4.99 -50.46
CA VAL C 263 7.71 -3.52 -50.47
C VAL C 263 9.18 -3.21 -50.72
N HIS C 264 10.06 -4.03 -50.18
CA HIS C 264 11.50 -3.87 -50.43
C HIS C 264 11.88 -4.09 -51.90
N ILE C 265 11.24 -5.06 -52.50
CA ILE C 265 11.45 -5.38 -53.92
C ILE C 265 10.93 -4.24 -54.76
N ARG C 266 9.70 -3.83 -54.49
CA ARG C 266 9.15 -2.63 -55.18
C ARG C 266 10.06 -1.45 -55.07
N GLU C 267 10.62 -1.24 -53.88
CA GLU C 267 11.52 -0.08 -53.64
C GLU C 267 12.73 -0.15 -54.57
N PHE C 268 13.35 -1.34 -54.62
CA PHE C 268 14.54 -1.51 -55.51
C PHE C 268 14.12 -1.47 -56.98
N ALA C 269 12.96 -2.00 -57.28
CA ALA C 269 12.40 -1.95 -58.64
C ALA C 269 12.12 -0.53 -59.14
N THR C 270 11.73 0.35 -58.22
CA THR C 270 11.45 1.75 -58.59
C THR C 270 12.72 2.55 -58.72
N ALA C 271 13.66 2.30 -57.83
CA ALA C 271 14.98 2.90 -57.93
C ALA C 271 15.60 2.61 -59.32
N ILE C 272 15.46 1.35 -59.76
CA ILE C 272 15.95 0.93 -61.10
C ILE C 272 15.23 1.68 -62.22
N ARG C 273 13.91 1.80 -62.11
CA ARG C 273 13.14 2.55 -63.12
C ARG C 273 13.63 4.00 -63.24
N GLN C 274 13.78 4.68 -62.12
CA GLN C 274 14.43 6.00 -62.16
C GLN C 274 15.86 5.84 -62.67
N THR D 2 -28.76 -23.46 32.14
CA THR D 2 -29.86 -23.96 31.26
C THR D 2 -29.28 -24.73 30.06
N ASP D 3 -29.83 -25.94 29.82
CA ASP D 3 -29.55 -26.70 28.60
C ASP D 3 -30.04 -25.96 27.33
N THR D 4 -30.90 -24.94 27.46
CA THR D 4 -31.16 -24.09 26.30
C THR D 4 -29.85 -23.61 25.64
N TYR D 5 -28.71 -23.65 26.38
CA TYR D 5 -27.42 -23.11 25.90
C TYR D 5 -26.24 -24.08 25.84
N LEU D 6 -26.47 -25.36 26.11
CA LEU D 6 -25.35 -26.29 26.20
C LEU D 6 -24.98 -26.80 24.79
N HIS D 7 -23.71 -26.75 24.43
CA HIS D 7 -23.23 -27.25 23.16
C HIS D 7 -22.10 -28.24 23.35
N GLU D 8 -21.67 -28.82 22.22
CA GLU D 8 -20.51 -29.70 22.21
C GLU D 8 -19.68 -29.46 20.95
N THR D 9 -18.37 -29.55 21.08
CA THR D 9 -17.50 -29.41 19.90
C THR D 9 -16.21 -30.17 20.12
N LEU D 10 -15.58 -30.53 19.01
CA LEU D 10 -14.28 -31.20 19.00
C LEU D 10 -13.26 -30.11 19.18
N VAL D 11 -12.33 -30.34 20.09
CA VAL D 11 -11.31 -29.34 20.40
C VAL D 11 -10.02 -30.11 20.47
N PHE D 12 -9.19 -29.89 19.45
CA PHE D 12 -8.02 -30.73 19.23
C PHE D 12 -8.52 -32.17 19.34
N ASP D 13 -8.07 -32.90 20.36
CA ASP D 13 -8.43 -34.32 20.49
C ASP D 13 -9.72 -34.66 21.16
N ASN D 14 -10.39 -33.68 21.75
CA ASN D 14 -11.49 -34.01 22.65
C ASN D 14 -12.74 -33.30 22.25
N LYS D 15 -13.86 -33.97 22.46
CA LYS D 15 -15.17 -33.31 22.42
C LYS D 15 -15.41 -32.63 23.79
N LEU D 16 -15.55 -31.31 23.78
CA LEU D 16 -15.79 -30.55 25.01
C LEU D 16 -17.19 -29.98 24.93
N SER D 17 -17.93 -30.07 26.03
CA SER D 17 -19.16 -29.28 26.13
C SER D 17 -18.83 -27.87 26.60
N TYR D 18 -19.73 -26.94 26.27
CA TYR D 18 -19.62 -25.56 26.69
C TYR D 18 -21.00 -24.90 26.63
N ILE D 19 -21.18 -23.89 27.48
CA ILE D 19 -22.37 -23.02 27.45
C ILE D 19 -22.06 -21.87 26.56
N ASP D 20 -23.03 -21.47 25.76
CA ASP D 20 -22.93 -20.27 24.97
C ASP D 20 -24.36 -19.80 24.71
N ASN D 21 -24.71 -18.64 25.23
CA ASN D 21 -26.07 -18.09 25.00
C ASN D 21 -26.18 -17.37 23.66
N GLN D 22 -25.06 -17.25 22.98
CA GLN D 22 -25.03 -16.71 21.63
C GLN D 22 -25.70 -15.38 21.51
N ARG D 23 -25.70 -14.62 22.60
CA ARG D 23 -26.34 -13.28 22.60
C ARG D 23 -25.63 -12.36 21.63
N ASP D 24 -26.38 -11.79 20.71
CA ASP D 24 -25.81 -10.79 19.79
C ASP D 24 -25.84 -9.44 20.45
N THR D 25 -24.66 -8.98 20.86
CA THR D 25 -24.53 -7.75 21.64
C THR D 25 -23.11 -7.26 21.57
N ASP D 26 -22.87 -6.12 22.21
CA ASP D 26 -21.55 -5.53 22.25
C ASP D 26 -20.67 -6.25 23.25
N GLY D 27 -19.39 -6.26 22.95
CA GLY D 27 -18.40 -6.93 23.77
C GLY D 27 -18.15 -6.16 25.07
N PRO D 28 -17.42 -6.77 25.99
CA PRO D 28 -16.77 -8.07 25.82
C PRO D 28 -17.70 -9.21 26.16
N ALA D 29 -17.36 -10.39 25.66
CA ALA D 29 -18.01 -11.62 26.07
C ALA D 29 -17.49 -11.96 27.46
N ILE D 30 -18.38 -12.52 28.28
CA ILE D 30 -17.99 -12.95 29.58
C ILE D 30 -17.73 -14.42 29.59
N LEU D 31 -16.51 -14.74 29.97
CA LEU D 31 -16.03 -16.11 29.93
C LEU D 31 -15.89 -16.65 31.35
N LEU D 32 -16.84 -17.47 31.73
CA LEU D 32 -16.86 -18.00 33.04
C LEU D 32 -16.09 -19.29 33.02
N LEU D 33 -15.13 -19.41 33.93
CA LEU D 33 -14.22 -20.56 34.00
C LEU D 33 -14.41 -21.40 35.27
N PRO D 34 -14.88 -22.66 35.12
CA PRO D 34 -15.02 -23.54 36.21
C PRO D 34 -13.68 -23.93 36.83
N GLY D 35 -13.75 -24.32 38.08
CA GLY D 35 -12.64 -24.95 38.80
C GLY D 35 -12.54 -26.42 38.41
N TRP D 36 -11.89 -27.21 39.24
CA TRP D 36 -11.71 -28.66 39.03
C TRP D 36 -12.82 -29.58 39.51
N CYS D 37 -13.23 -30.47 38.62
CA CYS D 37 -14.15 -31.56 38.93
C CYS D 37 -15.56 -31.06 39.17
N HIS D 38 -15.88 -30.00 38.47
CA HIS D 38 -17.25 -29.65 38.29
C HIS D 38 -17.34 -28.90 36.99
N ASP D 39 -18.54 -28.50 36.63
CA ASP D 39 -18.82 -28.00 35.30
C ASP D 39 -19.69 -26.78 35.40
N HIS D 40 -20.17 -26.33 34.23
CA HIS D 40 -21.06 -25.18 34.04
C HIS D 40 -22.28 -25.10 34.97
N ARG D 41 -22.75 -26.23 35.47
CA ARG D 41 -23.85 -26.20 36.43
C ARG D 41 -23.59 -25.22 37.63
N VAL D 42 -22.33 -25.00 38.00
CA VAL D 42 -21.93 -24.06 39.08
C VAL D 42 -22.27 -22.62 38.75
N TYR D 43 -22.43 -22.35 37.49
CA TYR D 43 -22.69 -21.04 37.03
C TYR D 43 -24.13 -20.77 36.73
N LYS D 44 -25.04 -21.73 36.90
CA LYS D 44 -26.41 -21.56 36.36
C LYS D 44 -27.12 -20.27 36.90
N TYR D 45 -26.83 -19.88 38.15
CA TYR D 45 -27.50 -18.66 38.74
C TYR D 45 -26.86 -17.40 38.22
N LEU D 46 -25.54 -17.42 38.12
CA LEU D 46 -24.77 -16.31 37.58
C LEU D 46 -25.12 -16.07 36.10
N ILE D 47 -25.28 -17.15 35.34
CA ILE D 47 -25.69 -17.00 33.91
C ILE D 47 -27.04 -16.28 33.78
N GLN D 48 -27.97 -16.61 34.63
CA GLN D 48 -29.28 -15.92 34.63
C GLN D 48 -29.13 -14.41 34.89
N GLU D 49 -28.22 -14.06 35.80
CA GLU D 49 -27.97 -12.65 36.13
C GLU D 49 -27.43 -11.90 34.95
N LEU D 50 -26.61 -12.57 34.15
CA LEU D 50 -25.88 -11.89 33.07
C LEU D 50 -26.50 -12.07 31.69
N ASP D 51 -27.46 -13.00 31.60
CA ASP D 51 -27.93 -13.55 30.32
C ASP D 51 -28.45 -12.51 29.35
N ALA D 52 -29.30 -11.63 29.86
CA ALA D 52 -29.92 -10.57 29.07
C ALA D 52 -28.96 -9.62 28.38
N ASP D 53 -27.81 -9.34 28.99
CA ASP D 53 -27.00 -8.16 28.56
C ASP D 53 -25.63 -8.47 27.96
N PHE D 54 -25.25 -9.73 28.06
CA PHE D 54 -23.92 -10.16 27.66
C PHE D 54 -23.97 -11.51 26.95
N ARG D 55 -22.98 -11.70 26.09
CA ARG D 55 -22.68 -13.03 25.61
C ARG D 55 -21.91 -13.77 26.66
N VAL D 56 -22.40 -14.93 27.06
CA VAL D 56 -21.80 -15.68 28.13
C VAL D 56 -21.37 -17.04 27.61
N ILE D 57 -20.09 -17.37 27.80
CA ILE D 57 -19.52 -18.67 27.45
C ILE D 57 -18.93 -19.38 28.67
N VAL D 58 -19.26 -20.64 28.85
CA VAL D 58 -18.64 -21.44 29.88
C VAL D 58 -18.11 -22.77 29.31
N PRO D 59 -16.77 -22.91 29.17
CA PRO D 59 -16.15 -24.16 28.70
C PRO D 59 -15.99 -25.18 29.80
N ASN D 60 -16.29 -26.42 29.46
CA ASN D 60 -16.00 -27.51 30.35
C ASN D 60 -14.70 -28.16 29.97
N TRP D 61 -13.94 -28.52 30.99
CA TRP D 61 -12.62 -29.06 30.77
C TRP D 61 -12.72 -30.50 30.29
N ARG D 62 -11.55 -31.02 29.90
CA ARG D 62 -11.45 -32.41 29.42
C ARG D 62 -11.88 -33.34 30.51
N GLY D 63 -12.79 -34.24 30.16
CA GLY D 63 -13.32 -35.20 31.12
C GLY D 63 -14.42 -34.68 32.06
N HIS D 64 -14.77 -33.41 31.90
CA HIS D 64 -15.78 -32.70 32.73
C HIS D 64 -17.03 -32.45 31.90
N GLY D 65 -18.19 -32.44 32.55
CA GLY D 65 -19.46 -32.14 31.90
C GLY D 65 -20.51 -32.99 32.56
N LEU D 66 -21.71 -33.01 31.96
CA LEU D 66 -22.84 -33.81 32.50
C LEU D 66 -22.52 -35.31 32.58
N SER D 67 -21.64 -35.75 31.67
CA SER D 67 -21.12 -37.14 31.67
C SER D 67 -19.58 -37.14 31.77
N PRO D 68 -19.03 -37.11 33.00
CA PRO D 68 -17.59 -37.05 33.10
C PRO D 68 -16.97 -38.32 32.49
N SER D 69 -15.73 -38.20 32.08
CA SER D 69 -15.00 -39.35 31.59
C SER D 69 -13.50 -39.25 31.91
N GLU D 70 -12.92 -40.42 32.10
CA GLU D 70 -11.47 -40.53 32.18
C GLU D 70 -10.85 -40.01 30.90
N VAL D 71 -9.83 -39.20 31.06
CA VAL D 71 -9.10 -38.64 29.92
C VAL D 71 -7.64 -38.71 30.29
N PRO D 72 -6.75 -38.55 29.31
CA PRO D 72 -5.32 -38.49 29.64
C PRO D 72 -4.96 -37.23 30.40
N ASP D 73 -3.84 -37.31 31.11
CA ASP D 73 -3.39 -36.26 32.03
C ASP D 73 -3.15 -35.00 31.29
N PHE D 74 -3.58 -33.88 31.92
CA PHE D 74 -3.45 -32.52 31.41
C PHE D 74 -3.46 -31.51 32.60
N GLY D 75 -3.12 -30.27 32.29
CA GLY D 75 -2.99 -29.22 33.33
C GLY D 75 -3.62 -27.94 32.89
N TYR D 76 -3.25 -26.86 33.56
CA TYR D 76 -3.88 -25.56 33.28
C TYR D 76 -3.45 -24.93 31.99
N GLN D 77 -2.21 -25.24 31.59
CA GLN D 77 -1.70 -24.78 30.29
C GLN D 77 -2.60 -25.33 29.18
N GLU D 78 -2.99 -26.59 29.29
CA GLU D 78 -3.96 -27.22 28.36
C GLU D 78 -5.39 -26.67 28.48
N GLN D 79 -5.84 -26.43 29.71
CA GLN D 79 -7.15 -25.73 29.89
C GLN D 79 -7.17 -24.40 29.15
N VAL D 80 -6.10 -23.64 29.29
CA VAL D 80 -5.95 -22.37 28.53
C VAL D 80 -6.11 -22.52 26.95
N LYS D 81 -5.43 -23.51 26.39
CA LYS D 81 -5.48 -23.74 24.90
C LYS D 81 -6.87 -24.18 24.51
N ASP D 82 -7.46 -25.05 25.34
CA ASP D 82 -8.83 -25.44 25.09
C ASP D 82 -9.71 -24.19 25.02
N ALA D 83 -9.57 -23.31 26.03
CA ALA D 83 -10.45 -22.15 26.14
C ALA D 83 -10.29 -21.23 24.93
N LEU D 84 -9.05 -20.97 24.59
CA LEU D 84 -8.79 -20.13 23.42
C LEU D 84 -9.31 -20.77 22.15
N GLU D 85 -9.16 -22.10 22.03
CA GLU D 85 -9.69 -22.82 20.85
C GLU D 85 -11.23 -22.70 20.77
N ILE D 86 -11.96 -22.78 21.91
CA ILE D 86 -13.44 -22.57 21.86
C ILE D 86 -13.77 -21.13 21.45
N LEU D 87 -12.98 -20.19 21.93
CA LEU D 87 -13.20 -18.78 21.57
C LEU D 87 -12.94 -18.52 20.10
N ASP D 88 -11.91 -19.17 19.57
CA ASP D 88 -11.61 -19.05 18.13
C ASP D 88 -12.73 -19.67 17.29
N GLN D 89 -13.10 -20.89 17.58
CA GLN D 89 -14.24 -21.51 16.91
C GLN D 89 -15.50 -20.67 16.99
N LEU D 90 -15.68 -19.91 18.08
CA LEU D 90 -16.90 -19.09 18.23
C LEU D 90 -16.74 -17.69 17.65
N GLY D 91 -15.54 -17.36 17.18
CA GLY D 91 -15.25 -16.01 16.66
C GLY D 91 -15.22 -14.90 17.71
N VAL D 92 -15.03 -15.29 18.97
CA VAL D 92 -15.01 -14.29 20.07
C VAL D 92 -13.67 -13.58 20.10
N GLU D 93 -13.70 -12.25 20.07
CA GLU D 93 -12.48 -11.44 20.07
C GLU D 93 -12.12 -11.00 21.50
N THR D 94 -12.77 -9.94 21.98
CA THR D 94 -12.50 -9.42 23.34
C THR D 94 -13.34 -10.14 24.38
N PHE D 95 -12.74 -10.50 25.49
CA PHE D 95 -13.45 -11.17 26.55
C PHE D 95 -12.97 -10.76 27.97
N LEU D 96 -13.89 -10.89 28.92
CA LEU D 96 -13.59 -10.76 30.35
C LEU D 96 -13.70 -12.13 30.94
N PRO D 97 -12.58 -12.72 31.35
CA PRO D 97 -12.64 -13.97 32.02
C PRO D 97 -12.96 -13.79 33.51
N VAL D 98 -13.81 -14.67 34.03
CA VAL D 98 -14.18 -14.75 35.43
C VAL D 98 -13.95 -16.19 35.84
N SER D 99 -13.12 -16.43 36.83
CA SER D 99 -12.89 -17.76 37.32
C SER D 99 -13.44 -18.06 38.71
N HIS D 100 -13.59 -19.36 38.99
CA HIS D 100 -13.93 -19.86 40.28
C HIS D 100 -12.80 -20.71 40.81
N SER D 101 -12.44 -20.41 42.05
CA SER D 101 -11.41 -21.06 42.78
C SER D 101 -10.22 -21.31 41.81
N HIS D 102 -9.74 -22.54 41.78
CA HIS D 102 -8.49 -22.89 41.04
C HIS D 102 -8.61 -22.88 39.51
N GLY D 103 -9.80 -22.52 39.01
CA GLY D 103 -9.95 -22.04 37.65
C GLY D 103 -9.12 -20.81 37.40
N GLY D 104 -8.62 -20.23 38.50
CA GLY D 104 -7.85 -18.99 38.42
C GLY D 104 -6.47 -19.18 37.79
N TRP D 105 -5.87 -20.34 38.00
CA TRP D 105 -4.58 -20.66 37.37
C TRP D 105 -4.72 -20.55 35.86
N VAL D 106 -5.86 -21.01 35.35
CA VAL D 106 -6.26 -20.86 33.94
C VAL D 106 -6.44 -19.41 33.57
N LEU D 107 -7.18 -18.71 34.40
CA LEU D 107 -7.53 -17.30 34.09
C LEU D 107 -6.27 -16.47 33.93
N VAL D 108 -5.33 -16.66 34.83
CA VAL D 108 -4.12 -15.83 34.89
C VAL D 108 -3.13 -16.18 33.71
N GLU D 109 -3.08 -17.46 33.39
CA GLU D 109 -2.30 -17.93 32.21
C GLU D 109 -2.94 -17.44 30.94
N LEU D 110 -4.28 -17.46 30.92
CA LEU D 110 -5.07 -16.94 29.80
C LEU D 110 -4.88 -15.44 29.58
N LEU D 111 -4.71 -14.73 30.67
CA LEU D 111 -4.37 -13.28 30.56
C LEU D 111 -3.03 -13.08 29.90
N GLU D 112 -2.05 -13.88 30.33
CA GLU D 112 -0.69 -13.81 29.79
C GLU D 112 -0.73 -14.11 28.27
N GLN D 113 -1.37 -15.22 27.96
CA GLN D 113 -1.40 -15.79 26.61
C GLN D 113 -2.20 -14.94 25.66
N ALA D 114 -3.39 -14.53 26.09
CA ALA D 114 -4.26 -13.69 25.25
C ALA D 114 -3.82 -12.24 25.16
N GLY D 115 -3.10 -11.78 26.17
CA GLY D 115 -2.67 -10.36 26.19
C GLY D 115 -3.80 -9.37 26.56
N PRO D 116 -3.43 -8.14 26.91
CA PRO D 116 -4.34 -7.12 27.44
C PRO D 116 -5.30 -6.52 26.46
N GLU D 117 -5.07 -6.71 25.17
CA GLU D 117 -5.99 -6.15 24.16
C GLU D 117 -7.22 -7.03 24.06
N ARG D 118 -6.97 -8.32 24.10
CA ARG D 118 -8.03 -9.32 24.04
C ARG D 118 -8.68 -9.56 25.41
N ALA D 119 -7.85 -9.59 26.44
CA ALA D 119 -8.27 -9.93 27.82
C ALA D 119 -7.81 -8.82 28.79
N PRO D 120 -8.49 -7.66 28.76
CA PRO D 120 -7.99 -6.45 29.36
C PRO D 120 -8.17 -6.35 30.88
N ARG D 121 -8.96 -7.25 31.44
CA ARG D 121 -9.23 -7.38 32.88
C ARG D 121 -9.58 -8.80 33.23
N GLY D 122 -9.61 -9.11 34.52
CA GLY D 122 -10.07 -10.43 35.00
C GLY D 122 -10.71 -10.34 36.38
N ILE D 123 -11.63 -11.25 36.66
CA ILE D 123 -12.21 -11.40 37.99
C ILE D 123 -11.97 -12.81 38.43
N ILE D 124 -11.36 -12.91 39.58
CA ILE D 124 -11.11 -14.17 40.23
C ILE D 124 -11.98 -14.30 41.44
N MET D 125 -12.66 -15.44 41.58
CA MET D 125 -13.53 -15.70 42.73
C MET D 125 -13.03 -16.76 43.63
N ASP D 126 -13.14 -16.46 44.94
CA ASP D 126 -12.82 -17.35 46.03
C ASP D 126 -11.64 -18.31 45.78
N TRP D 127 -10.47 -17.72 45.69
CA TRP D 127 -9.25 -18.47 45.29
C TRP D 127 -8.17 -18.31 46.30
N LEU D 128 -7.71 -19.40 46.89
CA LEU D 128 -6.67 -19.36 47.91
C LEU D 128 -5.37 -18.61 47.53
N MET D 129 -5.25 -17.38 48.03
CA MET D 129 -4.20 -16.43 47.62
C MET D 129 -2.86 -16.79 48.19
N TRP D 130 -2.85 -17.49 49.29
CA TRP D 130 -1.60 -17.81 49.92
C TRP D 130 -1.22 -19.29 49.59
N ALA D 131 0.05 -19.61 49.76
CA ALA D 131 0.55 -20.97 49.56
C ALA D 131 -0.15 -21.88 50.52
N PRO D 132 -0.28 -23.17 50.15
CA PRO D 132 -1.13 -24.03 50.94
C PRO D 132 -0.79 -24.05 52.42
N LYS D 133 -1.80 -23.80 53.24
CA LYS D 133 -1.70 -24.06 54.67
C LYS D 133 -1.79 -25.56 54.91
N PRO D 134 -1.46 -26.01 56.13
CA PRO D 134 -1.42 -27.44 56.37
C PRO D 134 -2.68 -28.25 56.12
N ASP D 135 -3.85 -27.66 56.39
CA ASP D 135 -5.10 -28.41 56.26
C ASP D 135 -5.34 -28.59 54.77
N PHE D 136 -5.17 -27.52 54.01
CA PHE D 136 -5.37 -27.60 52.56
C PHE D 136 -4.30 -28.44 51.87
N ALA D 137 -3.04 -28.32 52.31
CA ALA D 137 -1.95 -29.21 51.80
C ALA D 137 -2.37 -30.65 52.06
N LYS D 138 -2.84 -30.94 53.27
CA LYS D 138 -3.34 -32.29 53.60
C LYS D 138 -4.45 -32.81 52.70
N SER D 139 -5.40 -31.93 52.42
CA SER D 139 -6.47 -32.23 51.48
C SER D 139 -5.96 -32.67 50.08
N LEU D 140 -5.00 -31.92 49.57
CA LEU D 140 -4.45 -32.23 48.25
C LEU D 140 -3.79 -33.65 48.26
N THR D 141 -3.09 -33.95 49.35
CA THR D 141 -2.42 -35.25 49.45
C THR D 141 -3.44 -36.37 49.49
N LEU D 142 -4.58 -36.11 50.10
CA LEU D 142 -5.68 -37.07 50.16
C LEU D 142 -6.33 -37.27 48.78
N LEU D 143 -6.56 -36.20 48.06
CA LEU D 143 -7.16 -36.26 46.73
C LEU D 143 -6.28 -37.13 45.78
N LYS D 144 -4.96 -37.04 45.97
CA LYS D 144 -3.97 -37.77 45.13
C LYS D 144 -3.91 -39.27 45.46
N ASP D 145 -4.55 -39.65 46.58
CA ASP D 145 -4.51 -40.99 47.09
C ASP D 145 -5.67 -41.82 46.60
N PRO D 146 -5.37 -42.90 45.85
CA PRO D 146 -6.47 -43.68 45.24
C PRO D 146 -7.34 -44.34 46.30
N GLU D 147 -6.78 -44.48 47.48
CA GLU D 147 -7.50 -45.07 48.60
C GLU D 147 -8.33 -44.03 49.40
N ARG D 148 -7.88 -42.78 49.37
CA ARG D 148 -8.45 -41.72 50.21
C ARG D 148 -8.95 -40.47 49.51
N TRP D 149 -9.20 -40.55 48.20
CA TRP D 149 -9.59 -39.37 47.46
C TRP D 149 -10.98 -38.88 47.94
N ARG D 150 -11.86 -39.83 48.22
CA ARG D 150 -13.23 -39.47 48.56
C ARG D 150 -13.26 -38.76 49.94
N GLU D 151 -12.45 -39.28 50.85
CA GLU D 151 -12.18 -38.64 52.12
C GLU D 151 -11.60 -37.23 51.95
N GLY D 152 -10.77 -37.05 50.91
CA GLY D 152 -10.29 -35.74 50.50
C GLY D 152 -11.38 -34.74 50.14
N THR D 153 -12.27 -35.17 49.24
CA THR D 153 -13.39 -34.36 48.75
C THR D 153 -14.38 -33.99 49.89
N HIS D 154 -14.58 -34.89 50.83
CA HIS D 154 -15.48 -34.66 51.94
C HIS D 154 -14.96 -33.62 52.93
N GLY D 155 -13.66 -33.66 53.23
CA GLY D 155 -12.98 -32.68 54.04
C GLY D 155 -13.06 -31.31 53.41
N LEU D 156 -12.97 -31.28 52.08
CA LEU D 156 -13.13 -30.06 51.33
C LEU D 156 -14.60 -29.57 51.37
N PHE D 157 -15.54 -30.46 51.15
CA PHE D 157 -16.94 -30.07 51.25
C PHE D 157 -17.21 -29.43 52.65
N ASP D 158 -16.66 -30.00 53.72
CA ASP D 158 -16.78 -29.42 55.05
C ASP D 158 -16.28 -27.97 55.10
N VAL D 159 -15.10 -27.73 54.53
CA VAL D 159 -14.51 -26.38 54.52
C VAL D 159 -15.37 -25.42 53.75
N TRP D 160 -15.88 -25.89 52.62
CA TRP D 160 -16.56 -25.01 51.69
C TRP D 160 -17.96 -24.60 52.16
N LEU D 161 -18.60 -25.49 52.89
CA LEU D 161 -19.93 -25.22 53.39
C LEU D 161 -19.83 -24.32 54.67
N ASP D 162 -18.71 -24.48 55.36
CA ASP D 162 -18.28 -23.73 56.50
C ASP D 162 -19.37 -23.69 57.61
N GLY D 163 -20.05 -24.81 57.84
CA GLY D 163 -21.02 -24.94 58.90
C GLY D 163 -22.40 -24.47 58.50
N HIS D 164 -22.59 -24.20 57.21
CA HIS D 164 -23.86 -23.72 56.70
C HIS D 164 -24.75 -24.80 56.02
N ASP D 165 -26.06 -24.80 56.37
CA ASP D 165 -27.04 -25.61 55.70
C ASP D 165 -27.52 -24.92 54.47
N GLU D 166 -26.60 -24.77 53.52
CA GLU D 166 -26.81 -23.94 52.35
C GLU D 166 -27.31 -24.82 51.16
N LYS D 167 -28.62 -24.86 51.03
CA LYS D 167 -29.30 -25.83 50.15
C LYS D 167 -28.75 -25.91 48.70
N ARG D 168 -28.47 -24.76 48.10
CA ARG D 168 -28.03 -24.73 46.70
C ARG D 168 -26.61 -25.26 46.53
N VAL D 169 -25.74 -24.98 47.49
CA VAL D 169 -24.31 -25.34 47.43
C VAL D 169 -24.19 -26.80 47.79
N ARG D 170 -25.01 -27.24 48.75
CA ARG D 170 -25.05 -28.63 49.16
C ARG D 170 -25.44 -29.54 47.94
N HIS D 171 -26.41 -29.06 47.18
CA HIS D 171 -26.87 -29.69 45.97
C HIS D 171 -25.76 -29.77 44.91
N HIS D 172 -24.96 -28.72 44.79
CA HIS D 172 -23.87 -28.68 43.83
C HIS D 172 -22.78 -29.66 44.21
N LEU D 173 -22.41 -29.73 45.48
CA LEU D 173 -21.40 -30.65 45.93
C LEU D 173 -21.86 -32.13 45.85
N LEU D 174 -23.07 -32.40 46.33
CA LEU D 174 -23.53 -33.74 46.56
C LEU D 174 -24.27 -34.33 45.37
N GLU D 175 -24.76 -33.51 44.49
CA GLU D 175 -25.45 -34.01 43.33
C GLU D 175 -24.67 -33.67 42.06
N GLU D 176 -24.34 -32.41 41.91
CA GLU D 176 -23.74 -31.95 40.66
C GLU D 176 -22.24 -32.32 40.46
N MET D 177 -21.58 -32.73 41.52
CA MET D 177 -20.25 -33.31 41.47
C MET D 177 -20.20 -34.85 41.71
N ALA D 178 -21.35 -35.48 41.86
CA ALA D 178 -21.42 -36.88 42.32
C ALA D 178 -20.86 -37.86 41.24
N ASP D 179 -20.93 -37.46 39.99
CA ASP D 179 -20.40 -38.31 38.91
C ASP D 179 -18.89 -38.20 38.66
N TYR D 180 -18.21 -37.30 39.36
CA TYR D 180 -16.78 -37.10 39.17
C TYR D 180 -16.04 -38.09 40.04
N GLY D 181 -14.98 -38.69 39.47
CA GLY D 181 -14.21 -39.76 40.15
C GLY D 181 -12.74 -39.45 40.38
N TYR D 182 -12.02 -40.47 40.80
CA TYR D 182 -10.61 -40.33 41.17
C TYR D 182 -9.72 -39.79 40.06
N ASP D 183 -10.08 -40.12 38.83
CA ASP D 183 -9.33 -39.61 37.67
C ASP D 183 -9.35 -38.09 37.68
N CYS D 184 -10.50 -37.52 38.01
CA CYS D 184 -10.59 -36.03 38.10
C CYS D 184 -9.94 -35.55 39.40
N TRP D 185 -10.43 -36.09 40.49
CA TRP D 185 -10.02 -35.55 41.79
C TRP D 185 -8.53 -35.71 42.04
N GLY D 186 -8.02 -36.88 41.68
CA GLY D 186 -6.55 -37.11 41.78
C GLY D 186 -5.77 -36.16 40.94
N ARG D 187 -6.25 -35.88 39.74
CA ARG D 187 -5.58 -34.90 38.86
C ARG D 187 -5.57 -33.43 39.43
N SER D 188 -6.74 -33.01 39.90
CA SER D 188 -6.90 -31.65 40.47
C SER D 188 -5.85 -31.46 41.59
N GLY D 189 -5.76 -32.45 42.45
CA GLY D 189 -4.74 -32.51 43.49
C GLY D 189 -3.32 -32.36 42.97
N ARG D 190 -3.00 -33.10 41.89
CA ARG D 190 -1.63 -33.04 41.30
C ARG D 190 -1.40 -31.67 40.66
N VAL D 191 -2.33 -31.25 39.82
CA VAL D 191 -2.19 -29.98 39.12
C VAL D 191 -2.11 -28.73 40.07
N ILE D 192 -2.98 -28.74 41.09
CA ILE D 192 -3.04 -27.60 42.02
C ILE D 192 -1.77 -27.59 42.88
N GLU D 193 -1.38 -28.74 43.37
CA GLU D 193 -0.12 -28.84 44.11
C GLU D 193 1.10 -28.39 43.28
N ASP D 194 1.14 -28.86 42.04
CA ASP D 194 2.15 -28.40 41.07
C ASP D 194 2.06 -26.89 40.77
N ALA D 195 0.85 -26.37 40.55
CA ALA D 195 0.62 -24.93 40.32
C ALA D 195 1.23 -24.02 41.39
N TYR D 196 1.00 -24.32 42.67
CA TYR D 196 1.64 -23.54 43.78
C TYR D 196 3.16 -23.75 43.83
N GLY D 197 3.59 -24.99 43.60
CA GLY D 197 5.00 -25.34 43.65
C GLY D 197 5.78 -24.54 42.62
N ARG D 198 5.27 -24.49 41.40
CA ARG D 198 5.94 -23.76 40.30
C ARG D 198 5.71 -22.28 40.21
N ASN D 199 4.56 -21.80 40.71
CA ASN D 199 4.23 -20.37 40.63
C ASN D 199 4.30 -19.63 41.97
N GLY D 200 4.47 -20.38 43.06
CA GLY D 200 4.52 -19.78 44.43
C GLY D 200 3.12 -19.69 45.01
N SER D 201 2.27 -18.94 44.32
CA SER D 201 0.91 -18.62 44.78
C SER D 201 0.23 -17.90 43.63
N PRO D 202 -1.11 -17.78 43.66
CA PRO D 202 -1.84 -16.85 42.75
C PRO D 202 -1.37 -15.36 42.75
N MET D 203 -0.97 -14.88 43.89
CA MET D 203 -0.46 -13.50 43.95
C MET D 203 0.90 -13.37 43.26
N GLN D 204 1.79 -14.32 43.52
CA GLN D 204 3.12 -14.33 42.85
C GLN D 204 2.94 -14.46 41.32
N MET D 205 2.06 -15.39 40.91
CA MET D 205 1.78 -15.57 39.47
C MET D 205 1.20 -14.32 38.82
N MET D 206 0.25 -13.67 39.49
CA MET D 206 -0.33 -12.40 38.97
C MET D 206 0.69 -11.25 38.92
N ALA D 207 1.46 -11.12 39.98
CA ALA D 207 2.52 -10.08 40.05
C ALA D 207 3.58 -10.28 38.95
N ASN D 208 3.66 -11.49 38.45
CA ASN D 208 4.64 -11.87 37.44
C ASN D 208 4.08 -11.75 36.02
N LEU D 209 2.84 -11.34 35.86
CA LEU D 209 2.30 -11.14 34.51
C LEU D 209 3.20 -10.19 33.76
N THR D 210 3.41 -10.45 32.47
CA THR D 210 4.20 -9.55 31.62
C THR D 210 3.60 -8.17 31.53
N LYS D 211 2.29 -8.17 31.29
CA LYS D 211 1.48 -6.96 31.21
C LYS D 211 0.39 -7.03 32.25
N THR D 212 0.68 -6.44 33.42
CA THR D 212 -0.32 -6.41 34.50
C THR D 212 -1.44 -5.51 34.03
N ARG D 213 -2.61 -5.69 34.67
CA ARG D 213 -3.85 -5.05 34.30
C ARG D 213 -4.88 -5.34 35.41
N PRO D 214 -6.04 -4.69 35.34
CA PRO D 214 -6.97 -4.80 36.47
C PRO D 214 -7.51 -6.18 36.76
N ILE D 215 -7.19 -6.67 37.95
CA ILE D 215 -7.77 -7.91 38.43
C ILE D 215 -8.41 -7.64 39.81
N ARG D 216 -9.63 -8.12 40.01
CA ARG D 216 -10.30 -8.08 41.32
C ARG D 216 -10.58 -9.45 41.86
N HIS D 217 -10.13 -9.71 43.08
CA HIS D 217 -10.48 -10.91 43.82
C HIS D 217 -11.79 -10.67 44.64
N ILE D 218 -12.86 -11.36 44.27
CA ILE D 218 -14.11 -11.35 45.07
C ILE D 218 -14.27 -12.70 45.75
N PHE D 219 -14.46 -12.70 47.08
CA PHE D 219 -14.45 -13.91 47.88
C PHE D 219 -15.30 -13.80 49.16
N SER D 220 -15.74 -14.94 49.65
CA SER D 220 -16.40 -15.05 50.94
C SER D 220 -15.51 -15.74 51.96
N GLN D 221 -14.60 -16.63 51.52
CA GLN D 221 -13.75 -17.35 52.46
C GLN D 221 -12.30 -17.42 51.92
N PRO D 222 -11.33 -17.78 52.77
CA PRO D 222 -11.42 -17.86 54.24
C PRO D 222 -11.92 -16.55 54.90
N THR D 223 -12.55 -16.70 56.06
CA THR D 223 -13.30 -15.60 56.69
C THR D 223 -12.43 -14.81 57.65
N GLU D 224 -11.28 -15.35 58.03
CA GLU D 224 -10.45 -14.77 59.07
C GLU D 224 -9.76 -13.49 58.63
N PRO D 225 -9.52 -12.59 59.60
CA PRO D 225 -8.94 -11.30 59.25
C PRO D 225 -7.55 -11.38 58.64
N GLU D 226 -6.78 -12.37 59.02
CA GLU D 226 -5.43 -12.54 58.48
C GLU D 226 -5.48 -12.78 56.95
N TYR D 227 -6.56 -13.40 56.47
CA TYR D 227 -6.75 -13.59 55.03
C TYR D 227 -7.09 -12.30 54.33
N GLU D 228 -8.01 -11.57 54.94
CA GLU D 228 -8.36 -10.24 54.42
C GLU D 228 -7.08 -9.44 54.28
N LYS D 229 -6.21 -9.58 55.27
CA LYS D 229 -4.99 -8.77 55.40
C LYS D 229 -3.99 -8.99 54.22
N ILE D 230 -3.78 -10.23 53.84
CA ILE D 230 -2.89 -10.49 52.67
C ILE D 230 -3.50 -9.95 51.39
N ASN D 231 -4.83 -9.93 51.31
CA ASN D 231 -5.49 -9.28 50.17
C ASN D 231 -5.31 -7.74 50.16
N SER D 232 -5.49 -7.10 51.32
CA SER D 232 -5.30 -5.63 51.41
C SER D 232 -3.87 -5.24 51.21
N ASP D 233 -2.95 -5.99 51.80
CA ASP D 233 -1.49 -5.75 51.59
C ASP D 233 -1.06 -5.89 50.11
N PHE D 234 -1.63 -6.88 49.44
CA PHE D 234 -1.34 -7.08 48.01
C PHE D 234 -1.91 -5.94 47.19
N ALA D 235 -3.10 -5.48 47.59
CA ALA D 235 -3.77 -4.40 46.91
C ALA D 235 -3.11 -3.06 47.13
N GLU D 236 -2.49 -2.88 48.29
CA GLU D 236 -1.76 -1.64 48.59
C GLU D 236 -0.50 -1.54 47.74
N GLN D 237 0.08 -2.69 47.43
CA GLN D 237 1.32 -2.75 46.65
C GLN D 237 1.08 -2.67 45.13
N HIS D 238 -0.12 -3.01 44.69
CA HIS D 238 -0.39 -3.14 43.26
C HIS D 238 -1.61 -2.37 42.87
N PRO D 239 -1.43 -1.26 42.17
CA PRO D 239 -2.54 -0.38 41.74
C PRO D 239 -3.59 -1.09 40.90
N TRP D 240 -3.16 -2.14 40.19
CA TRP D 240 -4.06 -2.94 39.33
C TRP D 240 -4.92 -3.95 40.10
N PHE D 241 -4.56 -4.27 41.35
CA PHE D 241 -5.29 -5.32 42.09
C PHE D 241 -6.32 -4.70 43.08
N SER D 242 -7.52 -5.27 43.07
CA SER D 242 -8.54 -4.89 44.04
C SER D 242 -9.21 -6.13 44.50
N TYR D 243 -9.92 -6.00 45.60
CA TYR D 243 -10.66 -7.10 46.18
C TYR D 243 -11.99 -6.60 46.78
N ALA D 244 -12.89 -7.55 46.99
CA ALA D 244 -14.16 -7.36 47.67
C ALA D 244 -14.54 -8.56 48.43
N LYS D 245 -14.68 -8.42 49.74
CA LYS D 245 -15.23 -9.44 50.59
C LYS D 245 -16.76 -9.39 50.50
N LEU D 246 -17.35 -10.51 50.03
CA LEU D 246 -18.74 -10.58 49.64
C LEU D 246 -19.63 -10.96 50.79
N GLY D 247 -19.06 -11.64 51.78
CA GLY D 247 -19.77 -12.02 53.02
C GLY D 247 -20.75 -13.17 52.83
N GLY D 248 -20.58 -13.92 51.72
CA GLY D 248 -21.49 -15.04 51.37
C GLY D 248 -21.20 -16.17 52.30
N PRO D 249 -22.09 -17.18 52.39
CA PRO D 249 -21.84 -18.17 53.42
C PRO D 249 -20.76 -19.22 53.06
N THR D 250 -20.54 -19.44 51.76
CA THR D 250 -19.72 -20.59 51.33
C THR D 250 -18.63 -20.16 50.34
N HIS D 251 -17.84 -21.18 49.98
CA HIS D 251 -16.78 -21.13 48.92
C HIS D 251 -17.32 -20.85 47.53
N PHE D 252 -18.63 -20.92 47.37
CA PHE D 252 -19.26 -20.70 46.08
C PHE D 252 -20.16 -19.44 45.91
N PRO D 253 -19.57 -18.24 45.88
CA PRO D 253 -20.40 -17.05 45.68
C PRO D 253 -21.15 -17.02 44.40
N ALA D 254 -20.63 -17.68 43.35
CA ALA D 254 -21.39 -17.76 42.10
C ALA D 254 -22.74 -18.39 42.34
N ILE D 255 -22.82 -19.27 43.32
CA ILE D 255 -24.09 -19.94 43.67
C ILE D 255 -24.88 -19.18 44.79
N ASP D 256 -24.21 -18.85 45.89
CA ASP D 256 -24.92 -18.26 47.03
C ASP D 256 -25.16 -16.73 47.00
N VAL D 257 -24.30 -15.98 46.31
CA VAL D 257 -24.52 -14.53 46.14
C VAL D 257 -24.35 -14.12 44.72
N PRO D 258 -25.10 -14.77 43.82
CA PRO D 258 -24.91 -14.54 42.40
C PRO D 258 -25.07 -13.09 41.98
N ASP D 259 -26.02 -12.41 42.60
CA ASP D 259 -26.27 -11.00 42.29
C ASP D 259 -25.07 -10.11 42.61
N ARG D 260 -24.31 -10.47 43.63
CA ARG D 260 -23.15 -9.68 44.03
C ARG D 260 -21.97 -9.92 43.13
N ALA D 261 -21.69 -11.20 42.87
CA ALA D 261 -20.68 -11.57 41.87
C ALA D 261 -20.99 -10.86 40.57
N ALA D 262 -22.27 -10.86 40.20
CA ALA D 262 -22.70 -10.24 38.92
C ALA D 262 -22.38 -8.73 38.85
N VAL D 263 -22.56 -8.04 39.97
CA VAL D 263 -22.35 -6.56 39.95
C VAL D 263 -20.93 -6.20 39.70
N HIS D 264 -20.01 -6.98 40.24
CA HIS D 264 -18.58 -6.75 40.02
C HIS D 264 -18.15 -7.03 38.58
N ILE D 265 -18.75 -8.07 37.99
CA ILE D 265 -18.53 -8.46 36.59
C ILE D 265 -19.04 -7.35 35.68
N ARG D 266 -20.28 -6.95 35.91
CA ARG D 266 -20.82 -5.79 35.19
C ARG D 266 -19.98 -4.52 35.36
N GLU D 267 -19.40 -4.34 36.53
CA GLU D 267 -18.57 -3.16 36.74
C GLU D 267 -17.32 -3.19 35.84
N PHE D 268 -16.64 -4.31 35.83
CA PHE D 268 -15.45 -4.49 35.01
C PHE D 268 -15.83 -4.50 33.50
N ALA D 269 -16.96 -5.12 33.17
CA ALA D 269 -17.44 -5.13 31.78
C ALA D 269 -17.76 -3.72 31.27
N THR D 270 -18.17 -2.84 32.16
CA THR D 270 -18.50 -1.46 31.74
C THR D 270 -17.26 -0.61 31.63
N ALA D 271 -16.35 -0.83 32.54
CA ALA D 271 -15.03 -0.24 32.45
C ALA D 271 -14.33 -0.56 31.11
N ILE D 272 -14.47 -1.81 30.66
CA ILE D 272 -13.91 -2.26 29.37
C ILE D 272 -14.61 -1.55 28.23
N ARG D 273 -15.94 -1.46 28.29
CA ARG D 273 -16.70 -0.78 27.21
C ARG D 273 -16.26 0.66 27.06
N GLN D 274 -16.15 1.37 28.15
CA GLN D 274 -15.48 2.67 28.08
C GLN D 274 -14.03 2.50 27.61
C1 GOL E . 22.27 0.78 -42.21
O1 GOL E . 22.45 0.02 -41.05
C2 GOL E . 23.24 1.88 -42.04
O2 GOL E . 24.42 1.22 -41.64
C3 GOL E . 23.47 2.62 -43.32
O3 GOL E . 24.86 2.54 -43.58
C1 GOL F . 22.51 15.95 -17.19
O1 GOL F . 22.74 15.45 -18.49
C2 GOL F . 22.65 17.44 -17.41
O2 GOL F . 21.69 18.02 -18.27
C3 GOL F . 22.90 18.26 -16.15
O3 GOL F . 23.62 19.32 -16.77
C1 GOL G . 17.28 15.58 -63.97
O1 GOL G . 18.03 16.77 -64.11
C2 GOL G . 17.36 15.10 -62.53
O2 GOL G . 18.65 15.41 -62.04
C3 GOL G . 16.92 13.63 -62.40
O3 GOL G . 17.99 12.71 -62.17
K K H . 22.74 21.05 -18.53
K K I . 8.83 -3.75 -38.17
N1 HQD J . 16.49 16.29 -45.07
C2 HQD J . 15.91 15.79 -43.94
C3 HQD J . 16.74 15.39 -42.81
C4 HQD J . 18.12 15.42 -42.91
C5 HQD J . 20.06 15.97 -44.16
C6 HQD J . 20.65 16.46 -45.34
C7 HQD J . 19.85 16.86 -46.42
C8 HQD J . 18.46 16.83 -46.32
C9 HQD J . 17.87 16.36 -45.16
C10 HQD J . 18.71 15.89 -44.07
C HQD J . 14.43 15.70 -43.84
O3 HQD J . 16.16 14.84 -41.69
O13 HQD J . 18.84 15.07 -41.95
O1 SRT K . 7.53 0.24 -47.29
O11 SRT K . 6.58 0.11 -45.34
C1 SRT K . 6.64 0.56 -46.49
C2 SRT K . 5.61 1.56 -46.96
O2 SRT K . 6.25 2.49 -47.87
C3 SRT K . 4.49 0.82 -47.70
O3 SRT K . 3.97 -0.24 -46.84
C4 SRT K . 3.40 1.77 -48.03
O4 SRT K . 2.27 1.49 -47.59
O41 SRT K . 3.66 2.83 -48.67
O1 SRT L . 8.74 -6.27 -35.42
O11 SRT L . 9.53 -4.22 -35.62
C1 SRT L . 9.70 -5.46 -35.48
C2 SRT L . 11.12 -5.92 -35.49
O2 SRT L . 11.09 -7.28 -35.05
C3 SRT L . 11.67 -5.69 -36.90
O3 SRT L . 10.62 -5.76 -37.95
C4 SRT L . 12.26 -4.30 -37.03
O4 SRT L . 13.25 -4.02 -36.35
O41 SRT L . 11.73 -3.47 -37.82
O1 SRT M . 13.74 3.93 -21.13
O11 SRT M . 13.61 5.10 -22.90
C1 SRT M . 14.21 4.84 -21.85
C2 SRT M . 15.45 5.68 -21.47
O2 SRT M . 16.15 5.14 -20.33
C3 SRT M . 16.41 6.06 -22.64
O3 SRT M . 17.80 6.17 -22.27
C4 SRT M . 16.37 5.09 -23.83
O4 SRT M . 16.03 5.60 -24.91
O41 SRT M . 16.61 3.87 -23.68
C1 GOL N . -6.98 -1.92 50.68
O1 GOL N . -7.75 -2.74 51.57
C2 GOL N . -7.45 -2.06 49.22
O2 GOL N . -8.79 -2.43 49.26
C3 GOL N . -7.31 -0.81 48.34
O3 GOL N . -7.46 -1.16 46.96
K K O . -8.84 18.35 72.43
N1 HQD P . -14.54 13.61 45.66
C2 HQD P . -15.07 13.04 46.83
C3 HQD P . -14.18 12.63 47.90
C4 HQD P . -12.76 12.78 47.76
C5 HQD P . -10.90 13.42 46.43
C6 HQD P . -10.37 13.99 45.26
C7 HQD P . -11.24 14.43 44.23
C8 HQD P . -12.62 14.30 44.38
C9 HQD P . -13.14 13.76 45.52
C10 HQD P . -12.23 13.32 46.59
C HQD P . -16.55 12.91 46.97
O3 HQD P . -14.69 12.05 49.02
O13 HQD P . -11.97 12.39 48.70
O1 SRT Q . -22.53 -2.36 42.96
O11 SRT Q . -23.36 -2.98 44.93
C1 SRT Q . -23.40 -2.33 43.85
C2 SRT Q . -24.58 -1.47 43.59
O2 SRT Q . -24.20 -0.34 42.77
C3 SRT Q . -25.57 -2.32 42.79
O3 SRT Q . -25.92 -3.50 43.59
C4 SRT Q . -26.72 -1.41 42.45
O4 SRT Q . -27.83 -1.81 42.86
O41 SRT Q . -26.53 -0.32 41.82
O1 SRT R . -14.61 4.12 67.86
O11 SRT R . -12.91 2.96 68.45
C1 SRT R . -14.16 3.18 68.52
C2 SRT R . -15.09 2.28 69.35
O2 SRT R . -15.17 2.67 70.76
C3 SRT R . -16.60 2.24 68.93
O3 SRT R . -17.15 2.34 67.60
C4 SRT R . -17.35 1.02 69.28
O4 SRT R . -18.19 0.82 68.38
O41 SRT R . -17.19 0.35 70.35
C1 GOL S . 14.45 -23.96 -32.47
O1 GOL S . 13.77 -23.50 -31.30
C2 GOL S . 15.31 -25.15 -32.12
O2 GOL S . 14.52 -26.32 -32.00
C3 GOL S . 16.49 -25.31 -33.08
O3 GOL S . 17.19 -26.46 -32.67
K K T . 25.28 1.02 -46.03
N1 HQD U . 17.17 -25.34 -48.61
C2 HQD U . 16.43 -24.15 -48.39
C3 HQD U . 16.89 -23.16 -47.36
C4 HQD U . 18.06 -23.41 -46.62
C5 HQD U . 19.96 -24.86 -46.13
C6 HQD U . 20.69 -26.08 -46.33
C7 HQD U . 20.25 -27.02 -47.32
C8 HQD U . 19.10 -26.76 -48.09
C9 HQD U . 18.36 -25.59 -47.86
C10 HQD U . 18.83 -24.61 -46.86
C HQD U . 15.22 -23.88 -49.21
O3 HQD U . 16.22 -22.00 -47.19
O13 HQD U . 18.48 -22.55 -45.80
O1 SRT V . 1.00 -26.46 -40.20
O11 SRT V . 0.94 -28.62 -40.13
C1 SRT V . 0.62 -27.55 -40.66
C2 SRT V . -0.25 -27.40 -41.88
O2 SRT V . 0.51 -26.72 -42.85
C3 SRT V . -0.83 -28.69 -42.44
O3 SRT V . -2.09 -28.77 -41.73
C4 SRT V . -1.12 -28.70 -43.94
O4 SRT V . -2.32 -28.50 -44.29
O41 SRT V . -0.20 -28.90 -44.77
C1 GOL W . -22.49 -8.40 55.06
O1 GOL W . -23.19 -8.30 53.82
C2 GOL W . -20.99 -8.65 54.89
O2 GOL W . -20.29 -7.44 55.10
C3 GOL W . -20.33 -9.65 55.79
O3 GOL W . -18.96 -9.38 55.56
C1 GOL X . -18.53 -6.02 52.92
O1 GOL X . -17.40 -6.46 53.67
C2 GOL X . -19.49 -7.14 52.54
O2 GOL X . -18.97 -8.39 53.07
C3 GOL X . -21.00 -6.87 52.82
O3 GOL X . -21.62 -6.13 51.81
K K Y . -5.04 -1.47 44.72
N1 HQD Z . -12.40 -28.19 42.91
C2 HQD Z . -13.11 -26.98 42.98
C3 HQD Z . -12.67 -25.90 43.94
C4 HQD Z . -11.51 -26.08 44.71
C5 HQD Z . -9.67 -27.53 45.42
C6 HQD Z . -8.94 -28.76 45.32
C7 HQD Z . -9.38 -29.79 44.41
C8 HQD Z . -10.53 -29.59 43.62
C9 HQD Z . -11.23 -28.39 43.71
C10 HQD Z . -10.77 -27.33 44.62
C HQD Z . -14.35 -26.78 42.15
O3 HQD Z . -13.37 -24.73 44.01
O13 HQD Z . -11.10 -25.16 45.50
O1 SRT AA . -28.86 -31.66 50.72
O11 SRT AA . -29.01 -29.50 50.79
C1 SRT AA . -29.30 -30.57 50.27
C2 SRT AA . -30.25 -30.50 49.13
O2 SRT AA . -29.84 -29.50 48.19
C3 SRT AA . -30.55 -31.89 48.56
O3 SRT AA . -31.96 -31.98 48.80
C4 SRT AA . -30.14 -32.25 47.11
O4 SRT AA . -30.57 -31.64 46.11
O41 SRT AA . -29.34 -33.24 46.95
#